data_8JT1
#
_entry.id   8JT1
#
_cell.length_a   178.017
_cell.length_b   74.890
_cell.length_c   135.134
_cell.angle_alpha   90.000
_cell.angle_beta   126.020
_cell.angle_gamma   90.000
#
_symmetry.space_group_name_H-M   'C 1 2 1'
#
loop_
_entity.id
_entity.type
_entity.pdbx_description
1 polymer 'Microbial collagenase'
2 polymer '6-mer peptide'
3 non-polymer 'ZINC ION'
4 non-polymer 'CALCIUM ION'
5 non-polymer 1,2-ETHANEDIOL
6 non-polymer 'TRIETHYLENE GLYCOL'
7 non-polymer DI(HYDROXYETHYL)ETHER
8 non-polymer 2-AMINO-2-HYDROXYMETHYL-PROPANE-1,3-DIOL
9 water water
#
loop_
_entity_poly.entity_id
_entity_poly.type
_entity_poly.pdbx_seq_one_letter_code
_entity_poly.pdbx_strand_id
1 'polypeptide(L)'
;AVEQCDLSQFQTTSSNQLMAAIRQQGASCVNALFSADTGVQEAAFSSNHMYNVAQYTRTLAQQYAGGGSDELEALYLYLR
AGYYAEFYNSNITFLSWVTPAVKGAVDAFVQNAHFYDNGDAHGKVLNEVIITMDSAGLQHAYLDVVTQWLTRWNAQYAEH
WYMRNAVNGVFTLLFGGQWNNQYTSLIGEQTALVTALQAFALDRTKVNSPTEFMAANAARELGRLARYTDATIAPKVTEG
LTAIFGQYPSYGDGDAIWLGAADTASYYADCSQFNICGFEDALRDAALNQTFICSDTIKIRSQDMSQAQHLAACDKMAYE
ESFFHTTLETGNQPVADDHNTQLQVNIFNSDTDYGKYAGPIFGIDTNNGGMYLEGNPANVGNIPNFIAYEASYANPDHFV
WNLEHEYVHYLDGRFNMYGDFGTPTELVVWWSEGVAEYVSRVNDNPQAIATIQDGSTYTLAQVFDTTYDGFDVDRIYRWG
YLAVRFMFERHPDEVQRMLSATRQGRWAEYKAIISGWANQYQSEFAQWTEALAKGDSGAGNGEGTGSGNEGGGESGGNT
;
A,B
2 'polypeptide(L)' GP(HYP)GP(HYP) C,E,F,G,I,J
#
# COMPACT_ATOMS: atom_id res chain seq x y z
N GLN A 4 3.06 7.68 6.17
CA GLN A 4 2.61 6.70 5.19
C GLN A 4 3.56 5.50 5.10
N CYS A 5 4.67 5.58 5.82
CA CYS A 5 5.61 4.46 5.92
C CYS A 5 5.17 3.59 7.10
N ASP A 6 4.66 2.40 6.81
CA ASP A 6 4.31 1.44 7.85
C ASP A 6 5.33 0.31 7.81
N LEU A 7 6.16 0.23 8.85
CA LEU A 7 7.19 -0.80 8.87
C LEU A 7 6.63 -2.18 9.15
N SER A 8 5.35 -2.29 9.51
CA SER A 8 4.75 -3.60 9.75
C SER A 8 4.78 -4.47 8.51
N GLN A 9 4.65 -3.86 7.32
CA GLN A 9 4.64 -4.64 6.08
C GLN A 9 5.94 -5.41 5.86
N PHE A 10 7.06 -4.91 6.38
CA PHE A 10 8.33 -5.61 6.25
C PHE A 10 8.47 -6.74 7.26
N GLN A 11 7.70 -6.69 8.36
CA GLN A 11 7.67 -7.77 9.34
C GLN A 11 6.75 -8.85 8.80
N THR A 12 7.31 -9.68 7.92
CA THR A 12 6.53 -10.68 7.19
C THR A 12 7.41 -11.85 6.86
N THR A 13 6.78 -12.95 6.45
CA THR A 13 7.49 -14.17 6.13
C THR A 13 7.39 -14.57 4.65
N SER A 14 6.60 -13.84 3.85
CA SER A 14 6.52 -14.09 2.41
CA SER A 14 6.52 -14.09 2.41
C SER A 14 7.42 -13.10 1.68
N SER A 15 8.37 -13.63 0.89
CA SER A 15 9.23 -12.76 0.09
C SER A 15 8.40 -11.86 -0.82
N ASN A 16 7.28 -12.37 -1.32
CA ASN A 16 6.51 -11.60 -2.29
C ASN A 16 5.83 -10.39 -1.65
N GLN A 17 5.34 -10.53 -0.41
CA GLN A 17 4.79 -9.33 0.24
C GLN A 17 5.89 -8.34 0.60
N LEU A 18 7.06 -8.84 1.01
CA LEU A 18 8.20 -7.97 1.29
C LEU A 18 8.49 -7.06 0.10
N MET A 19 8.67 -7.66 -1.08
CA MET A 19 8.99 -6.87 -2.27
C MET A 19 7.85 -5.94 -2.66
N ALA A 20 6.60 -6.36 -2.43
CA ALA A 20 5.48 -5.45 -2.59
C ALA A 20 5.61 -4.26 -1.64
N ALA A 21 6.10 -4.51 -0.42
CA ALA A 21 6.32 -3.41 0.50
C ALA A 21 7.45 -2.51 0.01
N ILE A 22 8.54 -3.10 -0.48
CA ILE A 22 9.66 -2.33 -1.00
C ILE A 22 9.22 -1.45 -2.15
N ARG A 23 8.49 -2.03 -3.11
CA ARG A 23 8.15 -1.30 -4.32
C ARG A 23 7.03 -0.28 -4.09
N GLN A 24 6.10 -0.54 -3.17
CA GLN A 24 5.02 0.40 -2.91
C GLN A 24 5.40 1.51 -1.94
N GLN A 25 6.19 1.19 -0.91
CA GLN A 25 6.55 2.21 0.06
C GLN A 25 7.78 3.01 -0.38
N GLY A 26 8.70 2.40 -1.14
CA GLY A 26 9.78 3.14 -1.75
C GLY A 26 10.98 3.34 -0.84
N ALA A 27 12.04 3.91 -1.42
CA ALA A 27 13.31 4.05 -0.72
C ALA A 27 13.17 4.82 0.57
N SER A 28 12.32 5.85 0.59
CA SER A 28 12.18 6.67 1.79
C SER A 28 11.71 5.84 2.99
N CYS A 29 10.85 4.86 2.76
CA CYS A 29 10.39 4.04 3.87
C CYS A 29 11.35 2.90 4.19
N VAL A 30 11.95 2.29 3.16
CA VAL A 30 12.98 1.28 3.37
C VAL A 30 14.08 1.85 4.25
N ASN A 31 14.35 3.15 4.13
CA ASN A 31 15.34 3.83 4.95
C ASN A 31 15.11 3.58 6.45
N ALA A 32 13.87 3.32 6.85
CA ALA A 32 13.59 3.11 8.27
C ALA A 32 14.15 1.80 8.80
N LEU A 33 14.50 0.87 7.91
CA LEU A 33 15.01 -0.42 8.35
C LEU A 33 16.35 -0.31 9.05
N PHE A 34 17.12 0.76 8.81
CA PHE A 34 18.43 0.90 9.46
C PHE A 34 18.28 1.09 10.97
N SER A 35 17.18 1.70 11.42
CA SER A 35 17.02 2.07 12.82
C SER A 35 15.82 1.40 13.48
N ALA A 36 15.28 0.34 12.88
CA ALA A 36 14.12 -0.32 13.44
C ALA A 36 14.53 -1.32 14.51
N ASP A 37 13.57 -1.64 15.40
CA ASP A 37 13.79 -2.65 16.43
C ASP A 37 14.17 -3.99 15.82
N THR A 38 14.88 -4.81 16.62
CA THR A 38 15.38 -6.08 16.12
C THR A 38 14.25 -7.00 15.66
N GLY A 39 13.06 -6.84 16.22
CA GLY A 39 11.93 -7.62 15.74
C GLY A 39 11.66 -7.41 14.27
N VAL A 40 11.64 -6.14 13.84
CA VAL A 40 11.48 -5.83 12.43
C VAL A 40 12.67 -6.35 11.63
N GLN A 41 13.88 -6.07 12.10
CA GLN A 41 15.08 -6.39 11.32
C GLN A 41 15.24 -7.90 11.14
N GLU A 42 15.00 -8.68 12.21
CA GLU A 42 15.16 -10.13 12.09
C GLU A 42 14.13 -10.71 11.12
N ALA A 43 12.90 -10.19 11.16
CA ALA A 43 11.89 -10.62 10.19
C ALA A 43 12.27 -10.19 8.78
N ALA A 44 12.55 -8.90 8.59
CA ALA A 44 12.79 -8.34 7.26
C ALA A 44 14.09 -8.83 6.63
N PHE A 45 15.10 -9.23 7.41
CA PHE A 45 16.41 -9.52 6.87
C PHE A 45 16.83 -10.98 7.04
N SER A 46 15.90 -11.91 6.83
CA SER A 46 16.27 -13.33 6.83
C SER A 46 17.16 -13.66 5.64
N SER A 47 17.88 -14.78 5.74
CA SER A 47 18.68 -15.21 4.59
C SER A 47 17.80 -15.49 3.37
N ASN A 48 16.56 -15.95 3.59
CA ASN A 48 15.68 -16.29 2.47
C ASN A 48 15.20 -15.02 1.76
N HIS A 49 14.72 -14.05 2.54
CA HIS A 49 14.34 -12.76 2.01
C HIS A 49 15.46 -12.14 1.19
N MET A 50 16.68 -12.16 1.72
CA MET A 50 17.78 -11.52 1.02
C MET A 50 18.13 -12.24 -0.28
N TYR A 51 18.06 -13.58 -0.27
CA TYR A 51 18.31 -14.33 -1.51
C TYR A 51 17.23 -14.04 -2.55
N ASN A 52 15.97 -13.96 -2.11
CA ASN A 52 14.87 -13.79 -3.05
C ASN A 52 14.88 -12.37 -3.62
N VAL A 53 15.07 -11.37 -2.76
CA VAL A 53 15.14 -9.98 -3.24
C VAL A 53 16.31 -9.84 -4.21
N ALA A 54 17.48 -10.37 -3.87
CA ALA A 54 18.63 -10.30 -4.76
C ALA A 54 18.33 -10.92 -6.13
N GLN A 55 17.59 -12.03 -6.16
CA GLN A 55 17.34 -12.70 -7.45
C GLN A 55 16.33 -11.92 -8.28
N TYR A 56 15.30 -11.38 -7.63
CA TYR A 56 14.37 -10.49 -8.31
C TYR A 56 15.05 -9.21 -8.78
N THR A 57 15.81 -8.56 -7.88
CA THR A 57 16.57 -7.37 -8.26
C THR A 57 17.44 -7.65 -9.47
N ARG A 58 18.08 -8.81 -9.48
CA ARG A 58 18.93 -9.19 -10.61
C ARG A 58 18.16 -9.18 -11.92
N THR A 59 16.94 -9.72 -11.93
CA THR A 59 16.24 -9.82 -13.20
C THR A 59 15.69 -8.46 -13.61
N LEU A 60 15.17 -7.70 -12.64
CA LEU A 60 14.72 -6.33 -12.91
C LEU A 60 15.87 -5.45 -13.38
N ALA A 61 17.06 -5.60 -12.78
CA ALA A 61 18.21 -4.82 -13.23
C ALA A 61 18.65 -5.22 -14.64
N GLN A 62 18.49 -6.50 -15.00
CA GLN A 62 18.81 -6.93 -16.37
C GLN A 62 17.91 -6.26 -17.40
N GLN A 63 16.70 -5.91 -17.01
CA GLN A 63 15.72 -5.26 -17.89
C GLN A 63 15.79 -3.74 -17.85
N TYR A 64 16.60 -3.18 -16.96
CA TYR A 64 16.68 -1.73 -16.81
C TYR A 64 17.06 -1.10 -18.13
N ALA A 65 16.38 0.01 -18.46
CA ALA A 65 16.58 0.70 -19.73
C ALA A 65 16.89 2.17 -19.50
N GLY A 66 17.59 2.48 -18.42
CA GLY A 66 18.02 3.84 -18.17
C GLY A 66 16.94 4.70 -17.55
N GLY A 67 17.32 5.95 -17.28
CA GLY A 67 16.40 6.94 -16.76
C GLY A 67 16.06 6.80 -15.30
N GLY A 68 16.77 5.95 -14.56
CA GLY A 68 16.49 5.77 -13.15
C GLY A 68 15.36 4.78 -12.93
N SER A 69 15.16 4.44 -11.66
CA SER A 69 14.17 3.45 -11.26
C SER A 69 13.92 3.53 -9.77
N ASP A 70 12.76 4.06 -9.39
CA ASP A 70 12.40 4.10 -7.97
C ASP A 70 12.40 2.71 -7.35
N GLU A 71 12.00 1.70 -8.11
CA GLU A 71 11.94 0.35 -7.55
C GLU A 71 13.33 -0.20 -7.30
N LEU A 72 14.23 -0.06 -8.28
CA LEU A 72 15.57 -0.58 -8.09
C LEU A 72 16.33 0.23 -7.02
N GLU A 73 16.08 1.53 -6.93
CA GLU A 73 16.71 2.29 -5.85
C GLU A 73 16.33 1.70 -4.48
N ALA A 74 15.05 1.38 -4.31
CA ALA A 74 14.57 0.83 -3.05
C ALA A 74 15.10 -0.58 -2.82
N LEU A 75 15.22 -1.38 -3.88
CA LEU A 75 15.67 -2.76 -3.72
C LEU A 75 17.12 -2.82 -3.27
N TYR A 76 17.99 -2.05 -3.93
CA TYR A 76 19.38 -2.05 -3.52
C TYR A 76 19.57 -1.42 -2.15
N LEU A 77 18.75 -0.43 -1.81
CA LEU A 77 18.82 0.13 -0.47
C LEU A 77 18.48 -0.93 0.56
N TYR A 78 17.39 -1.67 0.33
CA TYR A 78 17.04 -2.78 1.21
C TYR A 78 18.20 -3.75 1.35
N LEU A 79 18.82 -4.11 0.23
CA LEU A 79 19.89 -5.11 0.28
C LEU A 79 21.06 -4.63 1.13
N ARG A 80 21.50 -3.39 0.95
CA ARG A 80 22.60 -2.90 1.76
C ARG A 80 22.15 -2.54 3.17
N ALA A 81 20.87 -2.19 3.35
CA ALA A 81 20.35 -2.07 4.71
C ALA A 81 20.49 -3.39 5.47
N GLY A 82 20.32 -4.51 4.76
CA GLY A 82 20.45 -5.80 5.40
C GLY A 82 21.85 -6.06 5.93
N TYR A 83 22.87 -5.76 5.12
CA TYR A 83 24.24 -5.93 5.58
C TYR A 83 24.56 -5.03 6.75
N TYR A 84 23.96 -3.84 6.80
CA TYR A 84 24.12 -2.96 7.95
C TYR A 84 23.55 -3.59 9.21
N ALA A 85 22.33 -4.13 9.11
CA ALA A 85 21.70 -4.73 10.28
C ALA A 85 22.41 -6.01 10.69
N GLU A 86 22.89 -6.79 9.72
CA GLU A 86 23.60 -8.01 10.06
C GLU A 86 24.88 -7.69 10.81
N PHE A 87 25.55 -6.59 10.43
CA PHE A 87 26.78 -6.24 11.12
C PHE A 87 26.51 -5.83 12.57
N TYR A 88 25.49 -5.02 12.78
CA TYR A 88 25.24 -4.38 14.08
C TYR A 88 24.14 -5.05 14.90
N ASN A 89 23.55 -6.14 14.43
CA ASN A 89 22.53 -6.84 15.20
C ASN A 89 22.99 -8.29 15.39
N SER A 90 23.25 -8.66 16.64
CA SER A 90 23.79 -10.01 16.89
C SER A 90 22.76 -11.10 16.61
N ASN A 91 21.48 -10.78 16.55
CA ASN A 91 20.43 -11.73 16.24
C ASN A 91 20.34 -12.05 14.74
N ILE A 92 21.24 -11.54 13.90
CA ILE A 92 21.11 -11.66 12.46
C ILE A 92 22.45 -12.12 11.88
N THR A 93 22.44 -13.25 11.18
CA THR A 93 23.64 -13.78 10.54
C THR A 93 23.23 -14.44 9.24
N PHE A 94 23.77 -13.95 8.13
CA PHE A 94 23.37 -14.43 6.81
C PHE A 94 24.05 -15.76 6.49
N LEU A 95 23.28 -16.66 5.89
CA LEU A 95 23.87 -17.90 5.41
C LEU A 95 24.78 -17.62 4.20
N SER A 96 25.58 -18.62 3.84
CA SER A 96 26.70 -18.41 2.93
C SER A 96 26.28 -18.19 1.48
N TRP A 97 25.05 -18.51 1.11
CA TRP A 97 24.61 -18.31 -0.27
C TRP A 97 23.99 -16.93 -0.49
N VAL A 98 23.92 -16.09 0.53
CA VAL A 98 23.25 -14.80 0.42
C VAL A 98 24.07 -13.84 -0.42
N THR A 99 25.37 -13.74 -0.15
CA THR A 99 26.25 -12.78 -0.80
C THR A 99 26.49 -13.08 -2.28
N PRO A 100 26.71 -14.33 -2.69
CA PRO A 100 26.83 -14.58 -4.14
C PRO A 100 25.61 -14.12 -4.93
N ALA A 101 24.43 -14.16 -4.32
CA ALA A 101 23.22 -13.69 -4.97
C ALA A 101 23.19 -12.17 -5.02
N VAL A 102 23.50 -11.53 -3.89
CA VAL A 102 23.62 -10.07 -3.87
C VAL A 102 24.61 -9.62 -4.92
N LYS A 103 25.74 -10.32 -5.02
CA LYS A 103 26.70 -10.00 -6.07
C LYS A 103 26.09 -10.18 -7.45
N GLY A 104 25.24 -11.20 -7.62
CA GLY A 104 24.52 -11.35 -8.87
C GLY A 104 23.61 -10.16 -9.16
N ALA A 105 22.90 -9.69 -8.13
CA ALA A 105 22.05 -8.52 -8.31
C ALA A 105 22.85 -7.29 -8.68
N VAL A 106 24.02 -7.11 -8.06
CA VAL A 106 24.87 -5.98 -8.40
C VAL A 106 25.44 -6.14 -9.80
N ASP A 107 25.96 -7.34 -10.13
CA ASP A 107 26.53 -7.64 -11.44
C ASP A 107 25.58 -7.28 -12.58
N ALA A 108 24.28 -7.53 -12.39
CA ALA A 108 23.31 -7.30 -13.45
C ALA A 108 23.17 -5.81 -13.76
N PHE A 109 23.20 -4.97 -12.73
CA PHE A 109 23.17 -3.54 -12.98
C PHE A 109 24.48 -3.08 -13.62
N VAL A 110 25.60 -3.65 -13.18
CA VAL A 110 26.91 -3.28 -13.71
C VAL A 110 27.06 -3.72 -15.16
N GLN A 111 26.54 -4.89 -15.51
CA GLN A 111 26.65 -5.38 -16.89
C GLN A 111 25.57 -4.82 -17.80
N ASN A 112 24.55 -4.17 -17.25
CA ASN A 112 23.58 -3.48 -18.07
C ASN A 112 24.26 -2.43 -18.94
N ALA A 113 23.83 -2.32 -20.20
CA ALA A 113 24.38 -1.35 -21.13
C ALA A 113 24.19 0.10 -20.66
N HIS A 114 23.33 0.33 -19.68
CA HIS A 114 23.06 1.67 -19.18
C HIS A 114 23.85 2.01 -17.92
N PHE A 115 24.81 1.17 -17.52
CA PHE A 115 25.50 1.38 -16.24
C PHE A 115 26.20 2.73 -16.20
N TYR A 116 26.88 3.11 -17.27
CA TYR A 116 27.62 4.37 -17.30
C TYR A 116 26.78 5.52 -17.85
N ASP A 117 25.46 5.42 -17.77
CA ASP A 117 24.57 6.49 -18.21
C ASP A 117 24.79 7.74 -17.35
N ASN A 118 24.39 8.89 -17.90
CA ASN A 118 24.41 10.18 -17.23
C ASN A 118 23.01 10.52 -16.70
N GLY A 119 22.95 11.46 -15.75
CA GLY A 119 21.67 11.98 -15.29
C GLY A 119 21.37 11.82 -13.82
N ASP A 120 20.55 12.71 -13.26
CA ASP A 120 20.31 12.66 -11.82
C ASP A 120 19.48 11.42 -11.45
N ALA A 121 18.51 11.06 -12.28
CA ALA A 121 17.64 9.92 -11.95
C ALA A 121 18.43 8.61 -11.94
N HIS A 122 19.29 8.43 -12.94
CA HIS A 122 20.17 7.26 -12.96
C HIS A 122 21.12 7.29 -11.78
N GLY A 123 21.64 8.48 -11.43
CA GLY A 123 22.55 8.60 -10.30
C GLY A 123 21.96 8.10 -9.00
N LYS A 124 20.63 8.23 -8.83
CA LYS A 124 20.02 7.81 -7.57
C LYS A 124 20.08 6.29 -7.39
N VAL A 125 19.80 5.52 -8.44
CA VAL A 125 19.93 4.07 -8.29
C VAL A 125 21.39 3.65 -8.33
N LEU A 126 22.19 4.28 -9.19
CA LEU A 126 23.61 3.97 -9.27
C LEU A 126 24.29 4.15 -7.92
N ASN A 127 23.94 5.23 -7.21
CA ASN A 127 24.47 5.45 -5.87
C ASN A 127 24.24 4.24 -4.98
N GLU A 128 23.01 3.71 -4.93
CA GLU A 128 22.76 2.57 -4.04
C GLU A 128 23.53 1.35 -4.49
N VAL A 129 23.71 1.18 -5.81
CA VAL A 129 24.47 0.03 -6.30
C VAL A 129 25.94 0.14 -5.87
N ILE A 130 26.53 1.33 -6.00
CA ILE A 130 27.94 1.46 -5.66
CA ILE A 130 27.94 1.49 -5.66
C ILE A 130 28.14 1.34 -4.16
N ILE A 131 27.19 1.83 -3.35
CA ILE A 131 27.33 1.65 -1.91
C ILE A 131 27.23 0.17 -1.54
N THR A 132 26.29 -0.55 -2.16
CA THR A 132 26.13 -1.98 -1.88
C THR A 132 27.42 -2.75 -2.10
N MET A 133 28.20 -2.34 -3.10
CA MET A 133 29.47 -3.01 -3.37
C MET A 133 30.38 -3.01 -2.15
N ASP A 134 30.32 -1.93 -1.38
CA ASP A 134 31.09 -1.82 -0.15
C ASP A 134 30.36 -2.53 0.99
N SER A 135 29.05 -2.28 1.12
CA SER A 135 28.30 -2.87 2.24
C SER A 135 28.38 -4.39 2.22
N ALA A 136 28.37 -4.98 1.04
CA ALA A 136 28.33 -6.42 0.92
C ALA A 136 29.73 -7.04 0.91
N GLY A 137 30.78 -6.26 1.10
CA GLY A 137 32.13 -6.82 1.06
C GLY A 137 32.54 -7.30 -0.31
N LEU A 138 32.13 -6.62 -1.37
CA LEU A 138 32.42 -7.04 -2.74
C LEU A 138 33.49 -6.17 -3.41
N GLN A 139 34.32 -5.48 -2.62
CA GLN A 139 35.24 -4.50 -3.21
C GLN A 139 36.21 -5.15 -4.19
N HIS A 140 36.58 -6.41 -3.94
CA HIS A 140 37.47 -7.16 -4.82
C HIS A 140 36.86 -7.46 -6.17
N ALA A 141 35.53 -7.41 -6.30
CA ALA A 141 34.87 -7.80 -7.54
C ALA A 141 34.66 -6.66 -8.53
N TYR A 142 34.86 -5.41 -8.13
CA TYR A 142 34.49 -4.30 -9.00
C TYR A 142 35.62 -3.29 -9.17
N LEU A 143 36.87 -3.77 -9.11
CA LEU A 143 38.00 -2.87 -9.30
C LEU A 143 37.97 -2.23 -10.68
N ASP A 144 37.55 -2.98 -11.71
CA ASP A 144 37.50 -2.43 -13.05
C ASP A 144 36.40 -1.37 -13.19
N VAL A 145 35.35 -1.46 -12.38
CA VAL A 145 34.33 -0.42 -12.34
C VAL A 145 34.92 0.88 -11.82
N VAL A 146 35.80 0.81 -10.81
CA VAL A 146 36.46 2.02 -10.34
C VAL A 146 37.26 2.65 -11.48
N THR A 147 38.07 1.83 -12.17
CA THR A 147 38.88 2.35 -13.27
C THR A 147 38.02 2.95 -14.38
N GLN A 148 36.89 2.30 -14.70
CA GLN A 148 36.06 2.80 -15.80
C GLN A 148 35.46 4.16 -15.47
N TRP A 149 34.89 4.30 -14.27
CA TRP A 149 34.29 5.58 -13.90
C TRP A 149 35.33 6.68 -13.86
N LEU A 150 36.54 6.37 -13.39
CA LEU A 150 37.59 7.40 -13.33
C LEU A 150 38.02 7.82 -14.71
N THR A 151 38.04 6.88 -15.65
CA THR A 151 38.42 7.14 -17.04
C THR A 151 37.29 7.83 -17.82
N ARG A 152 36.03 7.49 -17.54
CA ARG A 152 34.91 8.05 -18.29
C ARG A 152 34.42 9.40 -17.77
N TRP A 153 34.66 9.71 -16.50
CA TRP A 153 34.18 10.95 -15.92
C TRP A 153 34.53 12.16 -16.79
N ASN A 154 33.57 13.08 -16.95
CA ASN A 154 33.83 14.33 -17.67
C ASN A 154 32.91 15.42 -17.12
N ALA A 155 33.00 16.60 -17.73
CA ALA A 155 32.23 17.75 -17.26
C ALA A 155 30.72 17.53 -17.34
N GLN A 156 30.25 16.71 -18.27
CA GLN A 156 28.82 16.51 -18.40
C GLN A 156 28.27 15.60 -17.31
N TYR A 157 29.01 14.55 -16.92
CA TYR A 157 28.62 13.81 -15.73
C TYR A 157 28.63 14.74 -14.52
N ALA A 158 29.62 15.63 -14.45
CA ALA A 158 29.80 16.52 -13.31
C ALA A 158 28.68 17.56 -13.17
N GLU A 159 27.83 17.74 -14.17
CA GLU A 159 26.69 18.64 -14.01
C GLU A 159 25.68 18.14 -12.98
N HIS A 160 25.66 16.85 -12.68
CA HIS A 160 24.54 16.27 -11.94
C HIS A 160 24.95 15.92 -10.53
N TRP A 161 24.31 16.57 -9.55
CA TRP A 161 24.60 16.35 -8.14
C TRP A 161 24.58 14.86 -7.78
N TYR A 162 23.59 14.13 -8.28
CA TYR A 162 23.46 12.73 -7.91
C TYR A 162 24.47 11.85 -8.62
N MET A 163 25.01 12.28 -9.77
CA MET A 163 26.13 11.56 -10.38
C MET A 163 27.44 11.80 -9.61
N ARG A 164 27.72 13.04 -9.20
CA ARG A 164 28.90 13.26 -8.35
C ARG A 164 28.84 12.45 -7.08
N ASN A 165 27.67 12.44 -6.42
CA ASN A 165 27.51 11.72 -5.18
C ASN A 165 27.68 10.22 -5.40
N ALA A 166 27.04 9.67 -6.44
CA ALA A 166 27.12 8.24 -6.71
C ALA A 166 28.55 7.81 -7.03
N VAL A 167 29.20 8.52 -7.96
CA VAL A 167 30.48 8.04 -8.42
C VAL A 167 31.54 8.26 -7.35
N ASN A 168 31.39 9.27 -6.50
CA ASN A 168 32.31 9.44 -5.38
C ASN A 168 32.38 8.18 -4.53
N GLY A 169 31.34 7.35 -4.56
CA GLY A 169 31.38 6.10 -3.82
C GLY A 169 32.43 5.13 -4.27
N VAL A 170 33.03 5.33 -5.46
CA VAL A 170 34.08 4.38 -5.84
C VAL A 170 35.29 4.54 -4.93
N PHE A 171 35.46 5.71 -4.32
CA PHE A 171 36.59 5.89 -3.41
C PHE A 171 36.34 5.21 -2.08
N THR A 172 35.08 5.14 -1.64
CA THR A 172 34.77 4.37 -0.44
C THR A 172 35.06 2.90 -0.66
N LEU A 173 34.79 2.41 -1.87
CA LEU A 173 35.12 1.04 -2.22
C LEU A 173 36.61 0.75 -2.02
N LEU A 174 37.47 1.64 -2.52
CA LEU A 174 38.91 1.45 -2.31
C LEU A 174 39.26 1.52 -0.83
N PHE A 175 38.61 2.42 -0.09
CA PHE A 175 38.87 2.53 1.34
C PHE A 175 38.41 1.28 2.07
N GLY A 176 37.21 0.78 1.75
CA GLY A 176 36.70 -0.38 2.45
C GLY A 176 37.42 -1.67 2.08
N GLY A 177 38.03 -1.72 0.90
CA GLY A 177 38.75 -2.91 0.48
C GLY A 177 39.93 -3.25 1.36
N GLN A 178 40.37 -2.30 2.19
CA GLN A 178 41.45 -2.56 3.14
C GLN A 178 41.17 -3.76 4.02
N TRP A 179 39.91 -3.94 4.44
CA TRP A 179 39.49 -5.05 5.27
C TRP A 179 39.06 -6.27 4.45
N ASN A 180 39.39 -6.31 3.17
CA ASN A 180 38.92 -7.35 2.26
C ASN A 180 40.15 -8.10 1.77
N ASN A 181 40.30 -9.35 2.21
CA ASN A 181 41.51 -10.12 1.88
C ASN A 181 41.63 -10.37 0.39
N GLN A 182 40.51 -10.60 -0.30
CA GLN A 182 40.57 -10.72 -1.76
C GLN A 182 41.06 -9.43 -2.38
N TYR A 183 40.55 -8.29 -1.92
CA TYR A 183 40.99 -7.01 -2.45
C TYR A 183 42.49 -6.83 -2.27
N THR A 184 43.00 -7.03 -1.05
CA THR A 184 44.41 -6.75 -0.81
C THR A 184 45.33 -7.74 -1.53
N SER A 185 44.85 -8.93 -1.86
CA SER A 185 45.69 -9.80 -2.71
C SER A 185 45.74 -9.30 -4.16
N LEU A 186 44.70 -8.58 -4.61
CA LEU A 186 44.58 -8.12 -5.99
C LEU A 186 45.14 -6.72 -6.23
N ILE A 187 45.00 -5.82 -5.24
CA ILE A 187 45.20 -4.39 -5.49
C ILE A 187 46.61 -4.09 -5.99
N GLY A 188 47.61 -4.85 -5.53
CA GLY A 188 49.00 -4.59 -5.90
C GLY A 188 49.28 -4.78 -7.37
N GLU A 189 48.35 -5.38 -8.13
CA GLU A 189 48.52 -5.56 -9.57
C GLU A 189 47.78 -4.53 -10.41
N GLN A 190 46.97 -3.65 -9.80
CA GLN A 190 46.02 -2.82 -10.57
C GLN A 190 46.71 -1.55 -11.08
N THR A 191 47.56 -1.74 -12.10
CA THR A 191 48.28 -0.60 -12.66
C THR A 191 47.34 0.35 -13.41
N ALA A 192 46.35 -0.18 -14.14
CA ALA A 192 45.39 0.70 -14.83
C ALA A 192 44.61 1.56 -13.84
N LEU A 193 44.18 0.99 -12.72
CA LEU A 193 43.49 1.78 -11.72
C LEU A 193 44.37 2.89 -11.17
N VAL A 194 45.64 2.57 -10.90
CA VAL A 194 46.56 3.59 -10.37
C VAL A 194 46.71 4.73 -11.37
N THR A 195 46.84 4.40 -12.66
CA THR A 195 46.98 5.42 -13.69
C THR A 195 45.73 6.29 -13.77
N ALA A 196 44.55 5.66 -13.74
CA ALA A 196 43.28 6.38 -13.76
C ALA A 196 43.15 7.29 -12.54
N LEU A 197 43.58 6.82 -11.36
CA LEU A 197 43.49 7.62 -10.15
C LEU A 197 44.33 8.89 -10.24
N GLN A 198 45.60 8.76 -10.66
CA GLN A 198 46.48 9.93 -10.81
CA GLN A 198 46.45 9.94 -10.77
C GLN A 198 45.95 10.91 -11.85
N ALA A 199 45.51 10.38 -13.01
CA ALA A 199 44.98 11.27 -14.04
C ALA A 199 43.78 12.05 -13.54
N PHE A 200 42.91 11.38 -12.81
CA PHE A 200 41.69 12.01 -12.27
C PHE A 200 42.05 13.17 -11.33
N ALA A 201 42.99 12.94 -10.41
CA ALA A 201 43.36 13.94 -9.42
C ALA A 201 44.23 15.06 -9.98
N LEU A 202 44.97 14.82 -11.06
CA LEU A 202 45.83 15.85 -11.64
C LEU A 202 45.09 16.75 -12.62
N ASP A 203 43.79 16.54 -12.79
CA ASP A 203 42.97 17.33 -13.71
C ASP A 203 42.66 18.68 -13.09
N ARG A 204 43.32 19.73 -13.60
CA ARG A 204 43.21 21.05 -12.99
C ARG A 204 41.84 21.66 -13.12
N THR A 205 41.02 21.20 -14.08
CA THR A 205 39.68 21.74 -14.23
C THR A 205 38.80 21.40 -13.03
N LYS A 206 39.21 20.42 -12.22
CA LYS A 206 38.47 20.08 -11.01
C LYS A 206 38.72 21.05 -9.87
N VAL A 207 39.84 21.79 -9.90
CA VAL A 207 40.15 22.71 -8.81
C VAL A 207 39.12 23.85 -8.79
N ASN A 208 38.68 24.21 -7.59
CA ASN A 208 37.70 25.28 -7.39
C ASN A 208 36.35 24.94 -7.98
N SER A 209 36.06 23.66 -8.21
CA SER A 209 34.81 23.25 -8.84
C SER A 209 34.00 22.38 -7.88
N PRO A 210 32.74 22.05 -8.23
CA PRO A 210 31.99 21.08 -7.42
C PRO A 210 32.52 19.65 -7.47
N THR A 211 33.56 19.34 -8.25
CA THR A 211 34.17 18.01 -8.23
C THR A 211 35.57 18.01 -7.60
N GLU A 212 36.00 19.13 -7.03
CA GLU A 212 37.29 19.11 -6.36
C GLU A 212 37.34 18.08 -5.25
N PHE A 213 36.22 17.85 -4.57
CA PHE A 213 36.22 16.89 -3.46
C PHE A 213 36.45 15.47 -3.96
N MET A 214 35.98 15.15 -5.17
CA MET A 214 36.28 13.84 -5.76
C MET A 214 37.75 13.74 -6.14
N ALA A 215 38.32 14.80 -6.71
CA ALA A 215 39.75 14.76 -7.01
C ALA A 215 40.56 14.62 -5.71
N ALA A 216 40.09 15.21 -4.61
CA ALA A 216 40.79 15.07 -3.34
C ALA A 216 40.67 13.64 -2.81
N ASN A 217 39.49 13.03 -2.96
CA ASN A 217 39.34 11.63 -2.59
C ASN A 217 40.17 10.72 -3.48
N ALA A 218 40.33 11.07 -4.75
CA ALA A 218 41.21 10.28 -5.63
C ALA A 218 42.64 10.30 -5.11
N ALA A 219 43.15 11.50 -4.81
CA ALA A 219 44.49 11.65 -4.28
C ALA A 219 44.66 10.87 -2.97
N ARG A 220 43.65 10.95 -2.10
CA ARG A 220 43.67 10.28 -0.81
C ARG A 220 43.77 8.76 -0.97
N GLU A 221 42.95 8.19 -1.85
CA GLU A 221 42.99 6.75 -2.05
C GLU A 221 44.29 6.33 -2.69
N LEU A 222 44.84 7.16 -3.57
CA LEU A 222 46.14 6.87 -4.15
C LEU A 222 47.24 6.89 -3.09
N GLY A 223 47.19 7.88 -2.18
CA GLY A 223 48.16 7.91 -1.09
C GLY A 223 48.10 6.64 -0.26
N ARG A 224 46.90 6.08 -0.09
CA ARG A 224 46.77 4.83 0.67
C ARG A 224 47.53 3.69 0.01
N LEU A 225 47.60 3.68 -1.32
CA LEU A 225 48.27 2.58 -2.01
C LEU A 225 49.79 2.63 -1.87
N ALA A 226 50.32 3.70 -1.25
CA ALA A 226 51.72 3.72 -0.85
C ALA A 226 52.06 2.59 0.12
N ARG A 227 51.05 1.97 0.74
CA ARG A 227 51.26 0.80 1.60
C ARG A 227 52.02 -0.30 0.88
N TYR A 228 51.73 -0.53 -0.40
CA TYR A 228 52.20 -1.72 -1.11
C TYR A 228 53.55 -1.41 -1.74
N THR A 229 54.55 -1.32 -0.85
CA THR A 229 55.88 -0.84 -1.23
C THR A 229 56.56 -1.75 -2.24
N ASP A 230 56.29 -3.06 -2.19
CA ASP A 230 56.93 -4.02 -3.06
C ASP A 230 56.05 -4.47 -4.22
N ALA A 231 54.85 -3.91 -4.36
CA ALA A 231 53.91 -4.36 -5.38
C ALA A 231 54.27 -3.80 -6.75
N THR A 232 53.76 -4.44 -7.79
CA THR A 232 54.09 -3.95 -9.12
C THR A 232 53.48 -2.58 -9.40
N ILE A 233 52.50 -2.12 -8.61
CA ILE A 233 51.98 -0.76 -8.78
C ILE A 233 52.85 0.31 -8.16
N ALA A 234 53.82 -0.07 -7.32
CA ALA A 234 54.54 0.90 -6.51
C ALA A 234 55.25 1.99 -7.33
N PRO A 235 55.91 1.71 -8.47
CA PRO A 235 56.47 2.83 -9.26
C PRO A 235 55.42 3.79 -9.79
N LYS A 236 54.27 3.28 -10.22
CA LYS A 236 53.22 4.18 -10.70
C LYS A 236 52.62 4.98 -9.56
N VAL A 237 52.41 4.34 -8.39
CA VAL A 237 51.90 5.06 -7.23
C VAL A 237 52.84 6.20 -6.86
N THR A 238 54.13 5.88 -6.68
CA THR A 238 55.12 6.89 -6.36
C THR A 238 55.10 8.03 -7.37
N GLU A 239 55.13 7.69 -8.66
CA GLU A 239 55.13 8.72 -9.70
C GLU A 239 53.89 9.60 -9.62
N GLY A 240 52.73 9.00 -9.39
CA GLY A 240 51.51 9.79 -9.26
C GLY A 240 51.51 10.70 -8.06
N LEU A 241 51.91 10.18 -6.89
CA LEU A 241 51.98 11.03 -5.70
C LEU A 241 52.97 12.17 -5.92
N THR A 242 54.14 11.85 -6.46
CA THR A 242 55.13 12.89 -6.76
C THR A 242 54.56 13.95 -7.70
N ALA A 243 53.77 13.54 -8.69
CA ALA A 243 53.17 14.52 -9.59
C ALA A 243 52.18 15.40 -8.86
N ILE A 244 51.33 14.81 -8.01
CA ILE A 244 50.36 15.58 -7.23
C ILE A 244 51.07 16.58 -6.33
N PHE A 245 52.06 16.13 -5.58
CA PHE A 245 52.76 17.02 -4.65
C PHE A 245 53.48 18.15 -5.36
N GLY A 246 53.80 17.98 -6.64
CA GLY A 246 54.50 19.02 -7.37
C GLY A 246 53.58 19.98 -8.09
N GLN A 247 52.39 19.52 -8.46
CA GLN A 247 51.46 20.33 -9.25
C GLN A 247 50.62 21.27 -8.38
N TYR A 248 50.28 20.85 -7.17
CA TYR A 248 49.37 21.61 -6.31
C TYR A 248 50.12 22.19 -5.11
N PRO A 249 49.58 23.24 -4.49
CA PRO A 249 50.19 23.77 -3.26
C PRO A 249 49.63 23.11 -2.03
N SER A 250 50.43 23.13 -0.95
CA SER A 250 49.93 22.63 0.33
C SER A 250 48.98 23.63 0.97
N TYR A 251 49.03 24.89 0.56
CA TYR A 251 48.04 25.88 0.95
C TYR A 251 47.74 26.72 -0.28
N GLY A 252 46.47 26.76 -0.67
CA GLY A 252 46.03 27.48 -1.83
C GLY A 252 45.06 26.66 -2.66
N ASP A 253 44.84 27.08 -3.90
CA ASP A 253 43.83 26.45 -4.74
C ASP A 253 44.23 25.02 -5.04
N GLY A 254 43.34 24.09 -4.71
CA GLY A 254 43.63 22.69 -4.87
C GLY A 254 44.39 22.05 -3.73
N ASP A 255 44.57 22.74 -2.60
CA ASP A 255 45.34 22.13 -1.52
C ASP A 255 44.62 20.94 -0.91
N ALA A 256 43.30 20.82 -1.11
CA ALA A 256 42.60 19.64 -0.61
C ALA A 256 43.11 18.37 -1.29
N ILE A 257 43.54 18.49 -2.54
CA ILE A 257 44.10 17.35 -3.26
C ILE A 257 45.51 17.04 -2.75
N TRP A 258 46.32 18.09 -2.60
CA TRP A 258 47.63 17.94 -1.99
C TRP A 258 47.52 17.31 -0.61
N LEU A 259 46.64 17.86 0.24
CA LEU A 259 46.59 17.40 1.62
C LEU A 259 45.95 16.02 1.72
N GLY A 260 44.98 15.72 0.86
CA GLY A 260 44.44 14.37 0.80
C GLY A 260 45.52 13.33 0.58
N ALA A 261 46.36 13.55 -0.44
CA ALA A 261 47.45 12.61 -0.73
C ALA A 261 48.45 12.55 0.42
N ALA A 262 48.80 13.71 0.98
CA ALA A 262 49.79 13.74 2.03
C ALA A 262 49.30 12.99 3.27
N ASP A 263 48.01 13.09 3.56
CA ASP A 263 47.46 12.46 4.75
C ASP A 263 47.70 10.95 4.75
N THR A 264 47.22 10.25 3.69
CA THR A 264 47.35 8.80 3.69
C THR A 264 48.78 8.36 3.37
N ALA A 265 49.45 9.06 2.44
CA ALA A 265 50.80 8.64 2.08
C ALA A 265 51.78 8.78 3.24
N SER A 266 51.61 9.80 4.09
CA SER A 266 52.47 9.98 5.26
CA SER A 266 52.49 9.97 5.23
C SER A 266 52.33 8.83 6.24
N TYR A 267 51.24 8.09 6.16
CA TYR A 267 51.01 6.96 7.06
C TYR A 267 51.82 5.74 6.66
N TYR A 268 52.23 5.62 5.40
CA TYR A 268 52.93 4.45 4.90
C TYR A 268 54.28 4.76 4.27
N ALA A 269 54.58 6.02 4.00
CA ALA A 269 55.84 6.36 3.35
C ALA A 269 56.45 7.55 4.07
N ASP A 270 57.77 7.57 4.08
CA ASP A 270 58.49 8.68 4.67
C ASP A 270 58.27 9.95 3.84
N CYS A 271 58.31 11.09 4.50
CA CYS A 271 58.23 12.36 3.78
C CYS A 271 59.33 12.49 2.75
N SER A 272 60.52 11.96 3.03
CA SER A 272 61.64 12.10 2.11
C SER A 272 61.41 11.34 0.81
N GLN A 273 60.49 10.38 0.79
CA GLN A 273 60.15 9.70 -0.45
C GLN A 273 59.61 10.67 -1.49
N PHE A 274 58.95 11.74 -1.06
CA PHE A 274 58.37 12.72 -1.99
C PHE A 274 58.95 14.11 -1.79
N ASN A 275 59.99 14.25 -0.95
CA ASN A 275 60.67 15.52 -0.72
C ASN A 275 59.69 16.59 -0.24
N ILE A 276 58.83 16.20 0.71
CA ILE A 276 57.94 17.12 1.39
C ILE A 276 58.20 17.13 2.89
N CYS A 277 59.41 16.75 3.30
CA CYS A 277 59.74 16.77 4.72
CA CYS A 277 59.81 16.79 4.70
C CYS A 277 59.66 18.20 5.25
N GLY A 278 59.05 18.32 6.42
CA GLY A 278 58.91 19.62 7.04
C GLY A 278 57.91 20.56 6.40
N PHE A 279 57.03 20.06 5.53
CA PHE A 279 56.02 20.92 4.91
C PHE A 279 55.09 21.57 5.94
N GLU A 280 54.93 20.97 7.12
CA GLU A 280 53.98 21.49 8.11
C GLU A 280 54.36 22.87 8.63
N ASP A 281 55.65 23.19 8.68
CA ASP A 281 56.06 24.51 9.16
C ASP A 281 55.58 25.59 8.19
N ALA A 282 55.86 25.43 6.91
CA ALA A 282 55.40 26.40 5.91
C ALA A 282 53.87 26.45 5.87
N LEU A 283 53.21 25.31 6.05
CA LEU A 283 51.75 25.28 6.00
C LEU A 283 51.15 26.05 7.17
N ARG A 284 51.68 25.84 8.38
CA ARG A 284 51.19 26.61 9.53
C ARG A 284 51.32 28.09 9.29
N ASP A 285 52.37 28.51 8.60
CA ASP A 285 52.59 29.93 8.36
C ASP A 285 51.69 30.46 7.25
N ALA A 286 51.37 29.63 6.26
CA ALA A 286 50.44 30.03 5.21
C ALA A 286 49.01 30.05 5.73
N ALA A 287 48.61 28.99 6.43
CA ALA A 287 47.21 28.85 6.84
C ALA A 287 46.86 29.81 7.97
N LEU A 288 47.72 29.93 8.97
CA LEU A 288 47.46 30.86 10.07
C LEU A 288 48.38 32.06 9.91
N ASN A 289 48.09 32.85 8.88
CA ASN A 289 49.03 33.87 8.44
C ASN A 289 48.88 35.17 9.21
N GLN A 290 47.77 35.37 9.91
CA GLN A 290 47.54 36.59 10.66
C GLN A 290 48.11 36.47 12.07
N THR A 291 48.56 37.61 12.61
CA THR A 291 48.99 37.69 14.00
C THR A 291 48.25 38.83 14.67
N PHE A 292 47.61 38.52 15.82
CA PHE A 292 46.98 39.55 16.65
C PHE A 292 47.37 39.34 18.11
N ILE A 293 47.96 40.37 18.71
CA ILE A 293 48.50 40.30 20.07
C ILE A 293 47.44 40.84 21.03
N CYS A 294 46.81 39.95 21.82
CA CYS A 294 45.78 40.40 22.77
C CYS A 294 46.40 41.10 23.97
N SER A 295 47.52 40.60 24.45
CA SER A 295 48.19 41.04 25.67
C SER A 295 49.55 40.36 25.66
N ASP A 296 50.34 40.55 26.71
CA ASP A 296 51.59 39.79 26.76
C ASP A 296 51.40 38.34 27.19
N THR A 297 50.17 37.89 27.46
CA THR A 297 49.94 36.49 27.80
C THR A 297 49.03 35.74 26.83
N ILE A 298 48.41 36.41 25.86
CA ILE A 298 47.60 35.76 24.84
C ILE A 298 47.93 36.33 23.47
N LYS A 299 48.26 35.45 22.51
CA LYS A 299 48.46 35.83 21.13
C LYS A 299 47.58 34.96 20.24
N ILE A 300 47.10 35.56 19.14
CA ILE A 300 46.26 34.88 18.16
C ILE A 300 47.04 34.73 16.87
N ARG A 301 47.02 33.51 16.30
CA ARG A 301 47.36 33.26 14.92
C ARG A 301 46.08 32.77 14.22
N SER A 302 45.73 33.38 13.11
CA SER A 302 44.44 33.08 12.51
C SER A 302 44.54 33.11 11.00
N GLN A 303 43.56 32.45 10.35
CA GLN A 303 43.56 32.31 8.91
C GLN A 303 42.97 33.56 8.24
N ASP A 304 41.79 34.01 8.68
CA ASP A 304 41.15 35.17 8.04
C ASP A 304 40.04 35.77 8.90
N MET A 305 40.41 36.44 9.99
CA MET A 305 39.48 37.18 10.84
C MET A 305 39.63 38.68 10.59
N SER A 306 38.55 39.41 10.81
CA SER A 306 38.61 40.86 10.74
C SER A 306 39.20 41.42 12.03
N GLN A 307 39.69 42.68 11.95
CA GLN A 307 40.16 43.33 13.16
C GLN A 307 39.08 43.37 14.24
N ALA A 308 37.83 43.62 13.85
CA ALA A 308 36.75 43.66 14.83
C ALA A 308 36.57 42.33 15.54
N GLN A 309 36.73 41.23 14.80
CA GLN A 309 36.65 39.91 15.42
C GLN A 309 37.81 39.69 16.38
N HIS A 310 39.03 40.03 15.96
CA HIS A 310 40.20 39.89 16.82
C HIS A 310 40.00 40.64 18.12
N LEU A 311 39.49 41.88 18.04
CA LEU A 311 39.24 42.69 19.22
C LEU A 311 38.18 42.08 20.11
N ALA A 312 37.13 41.49 19.53
CA ALA A 312 36.08 40.91 20.36
C ALA A 312 36.56 39.63 21.03
N ALA A 313 37.42 38.87 20.36
CA ALA A 313 37.99 37.68 21.00
C ALA A 313 38.88 38.05 22.18
N CYS A 314 39.81 39.00 21.97
CA CYS A 314 40.67 39.42 23.07
CA CYS A 314 40.66 39.48 23.06
C CYS A 314 39.85 39.95 24.25
N ASP A 315 38.81 40.74 23.97
CA ASP A 315 38.00 41.34 25.03
C ASP A 315 37.21 40.30 25.82
N LYS A 316 36.64 39.32 25.13
CA LYS A 316 35.88 38.28 25.82
C LYS A 316 36.81 37.36 26.62
N MET A 317 38.02 37.13 26.14
CA MET A 317 38.94 36.30 26.90
C MET A 317 39.40 37.03 28.16
N ALA A 318 39.71 38.32 28.03
CA ALA A 318 39.98 39.14 29.22
C ALA A 318 38.81 39.09 30.20
N TYR A 319 37.58 39.15 29.67
CA TYR A 319 36.41 39.05 30.55
C TYR A 319 36.32 37.67 31.22
N GLU A 320 36.45 36.59 30.44
CA GLU A 320 36.36 35.23 31.00
C GLU A 320 37.44 34.98 32.05
N GLU A 321 38.65 35.48 31.79
CA GLU A 321 39.73 35.33 32.77
C GLU A 321 39.31 35.86 34.12
N SER A 322 38.83 37.10 34.15
CA SER A 322 38.39 37.73 35.39
C SER A 322 37.26 36.96 36.06
N PHE A 323 36.26 36.55 35.27
CA PHE A 323 35.13 35.82 35.83
C PHE A 323 35.58 34.46 36.34
N PHE A 324 36.52 33.82 35.63
CA PHE A 324 37.03 32.52 36.06
C PHE A 324 37.70 32.63 37.43
N HIS A 325 38.65 33.56 37.57
CA HIS A 325 39.41 33.64 38.82
C HIS A 325 38.51 33.95 40.01
N THR A 326 37.51 34.80 39.80
CA THR A 326 36.56 35.12 40.87
C THR A 326 35.72 33.91 41.20
N THR A 327 35.20 33.23 40.18
CA THR A 327 34.30 32.11 40.40
C THR A 327 35.04 30.92 40.99
N LEU A 328 36.27 30.68 40.56
CA LEU A 328 37.02 29.52 41.04
C LEU A 328 37.86 29.86 42.27
N GLU A 329 37.88 31.13 42.66
CA GLU A 329 38.52 31.59 43.89
C GLU A 329 39.97 31.16 43.92
N THR A 330 40.70 31.50 42.86
CA THR A 330 42.05 31.02 42.67
C THR A 330 43.07 31.83 43.44
N GLY A 331 42.72 33.04 43.84
CA GLY A 331 43.73 34.00 44.27
C GLY A 331 44.72 34.34 43.18
N ASN A 332 44.39 34.02 41.93
CA ASN A 332 45.29 34.15 40.78
C ASN A 332 46.59 33.36 40.98
N GLN A 333 46.55 32.31 41.78
CA GLN A 333 47.75 31.53 42.04
C GLN A 333 47.69 30.23 41.25
N PRO A 334 48.62 29.99 40.33
CA PRO A 334 48.58 28.74 39.56
C PRO A 334 49.00 27.57 40.42
N VAL A 335 48.70 26.36 39.92
CA VAL A 335 49.15 25.14 40.59
C VAL A 335 50.67 25.03 40.49
N ALA A 336 51.25 24.17 41.33
CA ALA A 336 52.69 23.96 41.33
C ALA A 336 53.18 23.44 39.98
N ASP A 337 54.46 23.67 39.70
CA ASP A 337 55.13 23.10 38.52
C ASP A 337 54.45 23.51 37.21
N ASP A 338 53.95 24.74 37.13
CA ASP A 338 53.20 25.17 35.95
C ASP A 338 53.72 26.54 35.50
N HIS A 339 54.37 26.57 34.34
CA HIS A 339 54.97 27.79 33.80
C HIS A 339 54.22 28.30 32.56
N ASN A 340 52.95 27.92 32.43
CA ASN A 340 52.18 28.24 31.22
C ASN A 340 51.54 29.62 31.35
N THR A 341 52.38 30.63 31.52
CA THR A 341 51.88 32.01 31.64
C THR A 341 51.34 32.53 30.30
N GLN A 342 51.86 32.03 29.19
CA GLN A 342 51.51 32.50 27.87
C GLN A 342 50.69 31.45 27.13
N LEU A 343 49.81 31.91 26.26
CA LEU A 343 48.90 31.06 25.53
C LEU A 343 48.88 31.46 24.07
N GLN A 344 48.82 30.47 23.17
CA GLN A 344 48.63 30.75 21.75
C GLN A 344 47.27 30.25 21.31
N VAL A 345 46.52 31.10 20.62
CA VAL A 345 45.19 30.81 20.10
C VAL A 345 45.27 30.74 18.59
N ASN A 346 44.78 29.64 18.01
CA ASN A 346 44.92 29.34 16.58
C ASN A 346 43.53 29.15 16.01
N ILE A 347 43.14 30.00 15.05
CA ILE A 347 41.75 30.04 14.61
C ILE A 347 41.69 29.93 13.09
N PHE A 348 41.15 28.82 12.60
CA PHE A 348 40.94 28.67 11.17
C PHE A 348 39.63 29.33 10.74
N ASN A 349 39.48 29.47 9.41
CA ASN A 349 38.38 30.25 8.85
C ASN A 349 37.04 29.51 8.87
N SER A 350 37.04 28.19 9.06
CA SER A 350 35.83 27.38 9.03
C SER A 350 36.18 26.00 9.56
N ASP A 351 35.14 25.20 9.84
CA ASP A 351 35.38 23.81 10.23
C ASP A 351 36.07 23.03 9.11
N THR A 352 35.71 23.30 7.87
CA THR A 352 36.38 22.66 6.73
C THR A 352 37.88 22.93 6.75
N ASP A 353 38.26 24.20 6.95
CA ASP A 353 39.66 24.57 7.05
C ASP A 353 40.33 23.87 8.22
N TYR A 354 39.68 23.89 9.38
CA TYR A 354 40.17 23.17 10.55
C TYR A 354 40.40 21.70 10.22
N GLY A 355 39.44 21.08 9.53
CA GLY A 355 39.55 19.68 9.16
C GLY A 355 40.72 19.40 8.23
N LYS A 356 41.02 20.35 7.33
CA LYS A 356 42.09 20.17 6.34
C LYS A 356 43.47 20.41 6.91
N TYR A 357 43.63 21.44 7.76
CA TYR A 357 44.95 21.96 8.10
C TYR A 357 45.43 21.63 9.51
N ALA A 358 44.53 21.41 10.46
CA ALA A 358 44.92 21.30 11.85
C ALA A 358 45.59 19.96 12.16
N GLY A 359 45.11 18.89 11.53
CA GLY A 359 45.76 17.59 11.61
C GLY A 359 47.22 17.67 11.24
N PRO A 360 47.52 18.16 10.03
CA PRO A 360 48.94 18.30 9.65
C PRO A 360 49.70 19.25 10.56
N ILE A 361 49.11 20.37 10.94
CA ILE A 361 49.88 21.37 11.66
C ILE A 361 50.09 20.95 13.11
N PHE A 362 49.04 20.50 13.78
CA PHE A 362 49.09 20.25 15.22
C PHE A 362 49.10 18.76 15.59
N GLY A 363 48.97 17.87 14.62
CA GLY A 363 48.91 16.44 14.92
C GLY A 363 47.66 15.99 15.63
N ILE A 364 46.55 16.71 15.49
CA ILE A 364 45.36 16.43 16.28
C ILE A 364 44.30 15.73 15.44
N ASP A 365 43.42 15.02 16.14
CA ASP A 365 42.14 14.59 15.58
C ASP A 365 41.25 15.82 15.41
N THR A 366 40.56 15.92 14.28
CA THR A 366 39.72 17.08 14.01
C THR A 366 38.24 16.75 14.01
N ASN A 367 37.85 15.62 14.58
CA ASN A 367 36.44 15.22 14.65
C ASN A 367 35.85 15.69 15.98
N ASN A 368 35.73 17.01 16.09
CA ASN A 368 35.41 17.68 17.35
C ASN A 368 35.22 19.16 17.06
N GLY A 369 34.89 19.93 18.09
CA GLY A 369 34.66 21.36 17.89
C GLY A 369 35.80 22.24 18.32
N GLY A 370 37.02 21.69 18.34
CA GLY A 370 38.18 22.41 18.80
C GLY A 370 38.96 21.57 19.81
N MET A 371 40.14 22.09 20.18
CA MET A 371 41.07 21.28 20.95
C MET A 371 42.00 22.15 21.78
N TYR A 372 42.26 21.73 23.03
CA TYR A 372 43.24 22.40 23.87
C TYR A 372 44.42 21.47 24.13
N LEU A 373 45.63 21.97 23.84
CA LEU A 373 46.89 21.26 23.97
C LEU A 373 47.74 21.95 25.02
N GLU A 374 47.71 21.43 26.24
CA GLU A 374 48.42 22.00 27.38
C GLU A 374 49.94 21.79 27.31
N GLY A 375 50.40 20.78 26.59
CA GLY A 375 51.82 20.44 26.62
C GLY A 375 52.27 20.07 28.02
N ASN A 376 53.54 20.30 28.30
CA ASN A 376 54.10 20.01 29.62
C ASN A 376 54.30 21.30 30.40
N PRO A 377 53.47 21.59 31.40
CA PRO A 377 53.61 22.85 32.14
C PRO A 377 54.90 22.98 32.94
N ALA A 378 55.55 21.87 33.27
CA ALA A 378 56.78 21.94 34.05
C ALA A 378 57.98 22.34 33.22
N ASN A 379 57.85 22.40 31.90
CA ASN A 379 58.94 22.77 31.01
CA ASN A 379 58.95 22.77 31.03
C ASN A 379 58.97 24.28 30.83
N VAL A 380 60.05 24.92 31.27
CA VAL A 380 60.19 26.36 31.07
C VAL A 380 60.27 26.62 29.57
N GLY A 381 59.36 27.43 29.05
CA GLY A 381 59.27 27.66 27.62
C GLY A 381 58.10 26.97 26.93
N ASN A 382 57.45 26.01 27.58
CA ASN A 382 56.22 25.42 27.07
C ASN A 382 55.18 26.51 26.79
N ILE A 383 54.53 26.42 25.64
CA ILE A 383 53.45 27.33 25.27
C ILE A 383 52.23 26.48 24.93
N PRO A 384 51.19 26.48 25.74
CA PRO A 384 49.98 25.73 25.38
C PRO A 384 49.26 26.43 24.24
N ASN A 385 48.49 25.64 23.49
CA ASN A 385 47.76 26.06 22.30
C ASN A 385 46.34 25.59 22.41
N PHE A 386 45.38 26.42 22.01
CA PHE A 386 44.11 25.85 21.63
C PHE A 386 43.81 26.21 20.19
N ILE A 387 43.02 25.36 19.55
CA ILE A 387 42.82 25.40 18.11
C ILE A 387 41.31 25.41 17.90
N ALA A 388 40.84 26.33 17.06
CA ALA A 388 39.41 26.58 16.93
C ALA A 388 39.11 27.01 15.49
N TYR A 389 37.82 27.16 15.20
CA TYR A 389 37.45 27.69 13.90
C TYR A 389 36.30 28.66 14.04
N GLU A 390 36.24 29.59 13.09
CA GLU A 390 35.10 30.49 13.01
C GLU A 390 33.86 29.71 12.57
N ALA A 391 32.71 30.11 13.11
CA ALA A 391 31.45 29.54 12.67
C ALA A 391 30.38 30.62 12.71
N SER A 392 29.47 30.58 11.73
CA SER A 392 28.36 31.53 11.70
C SER A 392 27.51 31.42 12.97
N TYR A 393 27.42 30.23 13.56
CA TYR A 393 26.63 29.99 14.76
C TYR A 393 27.43 30.17 16.05
N ALA A 394 28.67 30.63 15.99
CA ALA A 394 29.44 30.89 17.19
C ALA A 394 28.97 32.18 17.86
N ASN A 395 29.57 32.54 19.01
CA ASN A 395 29.10 33.73 19.73
C ASN A 395 29.60 35.00 19.05
N PRO A 396 28.73 36.03 18.94
CA PRO A 396 29.23 37.36 18.57
C PRO A 396 29.97 37.99 19.73
N ASP A 397 30.88 38.92 19.41
CA ASP A 397 31.22 39.43 18.08
C ASP A 397 32.42 38.77 17.42
N HIS A 398 33.00 37.75 18.05
CA HIS A 398 34.17 37.13 17.44
C HIS A 398 33.79 36.00 16.49
N PHE A 399 32.65 35.37 16.73
CA PHE A 399 32.21 34.19 15.96
C PHE A 399 33.30 33.12 15.88
N VAL A 400 33.98 32.89 16.99
CA VAL A 400 34.93 31.78 17.10
C VAL A 400 34.25 30.68 17.90
N TRP A 401 34.00 29.54 17.24
CA TRP A 401 33.34 28.43 17.90
C TRP A 401 34.20 27.93 19.05
N ASN A 402 33.58 27.79 20.22
CA ASN A 402 34.22 27.28 21.43
C ASN A 402 35.37 28.15 21.92
N LEU A 403 35.40 29.44 21.55
CA LEU A 403 36.43 30.33 22.06
C LEU A 403 36.47 30.30 23.58
N GLU A 404 35.32 30.56 24.21
CA GLU A 404 35.29 30.66 25.66
C GLU A 404 35.52 29.29 26.30
N HIS A 405 35.01 28.23 25.67
CA HIS A 405 35.17 26.87 26.19
C HIS A 405 36.64 26.47 26.25
N GLU A 406 37.37 26.61 25.15
CA GLU A 406 38.77 26.21 25.14
C GLU A 406 39.60 27.07 26.07
N TYR A 407 39.31 28.38 26.11
CA TYR A 407 40.04 29.26 27.01
C TYR A 407 39.90 28.80 28.46
N VAL A 408 38.69 28.43 28.86
CA VAL A 408 38.50 27.93 30.22
C VAL A 408 39.29 26.63 30.44
N HIS A 409 39.44 25.80 29.40
CA HIS A 409 40.32 24.64 29.55
C HIS A 409 41.73 25.05 29.92
N TYR A 410 42.23 26.11 29.29
CA TYR A 410 43.55 26.62 29.66
C TYR A 410 43.56 27.09 31.11
N LEU A 411 42.54 27.85 31.52
CA LEU A 411 42.52 28.37 32.89
C LEU A 411 42.40 27.24 33.91
N ASP A 412 41.44 26.32 33.68
CA ASP A 412 41.29 25.14 34.51
C ASP A 412 42.60 24.35 34.57
N GLY A 413 43.27 24.19 33.43
CA GLY A 413 44.49 23.42 33.40
C GLY A 413 45.62 24.06 34.19
N ARG A 414 45.60 25.39 34.31
CA ARG A 414 46.68 26.08 35.00
C ARG A 414 46.38 26.37 36.47
N PHE A 415 45.09 26.51 36.83
CA PHE A 415 44.72 26.98 38.16
C PHE A 415 43.97 25.95 38.99
N ASN A 416 43.46 24.88 38.38
CA ASN A 416 42.70 23.86 39.11
C ASN A 416 43.29 22.44 39.04
N MET A 417 43.95 22.07 37.93
CA MET A 417 44.32 20.67 37.67
C MET A 417 45.85 20.52 37.63
N TYR A 418 46.42 19.96 38.69
CA TYR A 418 47.86 19.71 38.71
C TYR A 418 48.28 18.76 37.58
N GLY A 419 49.46 19.01 37.03
CA GLY A 419 50.05 18.12 36.05
C GLY A 419 49.56 18.39 34.64
N ASP A 420 50.11 17.62 33.71
CA ASP A 420 49.72 17.70 32.30
C ASP A 420 48.39 16.97 32.10
N PHE A 421 47.95 16.87 30.84
CA PHE A 421 46.61 16.37 30.55
C PHE A 421 46.44 14.91 30.97
N GLY A 422 47.46 14.09 30.78
CA GLY A 422 47.33 12.69 31.12
C GLY A 422 47.61 12.34 32.56
N THR A 423 47.93 13.33 33.39
CA THR A 423 48.37 13.08 34.76
C THR A 423 47.35 12.41 35.68
N PRO A 424 46.06 12.76 35.67
CA PRO A 424 45.16 12.21 36.72
C PRO A 424 45.07 10.69 36.66
N THR A 425 44.96 10.07 37.84
CA THR A 425 44.77 8.63 37.94
C THR A 425 43.33 8.28 38.28
N GLU A 426 42.46 9.28 38.32
CA GLU A 426 41.02 9.09 38.43
C GLU A 426 40.37 9.91 37.34
N LEU A 427 39.14 9.56 36.95
CA LEU A 427 38.47 10.25 35.84
C LEU A 427 38.12 11.69 36.24
N VAL A 428 38.43 12.64 35.34
CA VAL A 428 38.14 14.06 35.58
C VAL A 428 37.38 14.68 34.40
N VAL A 429 36.95 13.83 33.45
CA VAL A 429 36.27 14.33 32.25
C VAL A 429 35.06 15.17 32.62
N TRP A 430 34.21 14.67 33.52
CA TRP A 430 33.00 15.40 33.90
C TRP A 430 33.34 16.80 34.37
N TRP A 431 34.41 16.94 35.17
CA TRP A 431 34.76 18.24 35.70
C TRP A 431 35.35 19.15 34.63
N SER A 432 36.34 18.65 33.88
CA SER A 432 37.01 19.50 32.90
CA SER A 432 37.02 19.50 32.91
C SER A 432 36.05 20.03 31.87
N GLU A 433 35.21 19.16 31.33
CA GLU A 433 34.26 19.61 30.32
C GLU A 433 33.10 20.36 30.96
N GLY A 434 32.67 19.92 32.15
CA GLY A 434 31.56 20.60 32.81
C GLY A 434 31.91 22.03 33.24
N VAL A 435 33.11 22.23 33.78
CA VAL A 435 33.46 23.60 34.19
C VAL A 435 33.74 24.47 32.98
N ALA A 436 34.25 23.91 31.89
CA ALA A 436 34.43 24.73 30.69
C ALA A 436 33.08 25.18 30.15
N GLU A 437 32.08 24.31 30.22
CA GLU A 437 30.74 24.69 29.80
C GLU A 437 30.09 25.66 30.80
N TYR A 438 30.20 25.36 32.10
CA TYR A 438 29.51 26.20 33.08
C TYR A 438 30.13 27.59 33.17
N VAL A 439 31.44 27.69 33.21
CA VAL A 439 32.07 29.01 33.33
C VAL A 439 31.73 29.85 32.10
N SER A 440 31.69 29.22 30.92
CA SER A 440 31.47 29.98 29.69
C SER A 440 29.99 30.24 29.42
N ARG A 441 29.09 29.35 29.83
CA ARG A 441 27.66 29.50 29.55
C ARG A 441 26.87 30.02 30.73
N VAL A 442 27.35 29.78 31.95
CA VAL A 442 26.63 30.03 33.19
C VAL A 442 25.25 29.40 33.07
N ASN A 443 24.17 30.20 33.04
CA ASN A 443 22.83 29.62 33.07
C ASN A 443 22.19 29.49 31.70
N ASP A 444 22.91 29.80 30.63
CA ASP A 444 22.37 29.77 29.27
C ASP A 444 22.77 28.47 28.60
N ASN A 445 21.95 27.42 28.78
CA ASN A 445 22.24 26.10 28.22
C ASN A 445 20.94 25.38 27.91
N PRO A 446 20.21 25.80 26.87
CA PRO A 446 18.95 25.14 26.53
C PRO A 446 19.08 23.63 26.35
N GLN A 447 20.15 23.16 25.69
CA GLN A 447 20.28 21.73 25.45
C GLN A 447 20.44 20.95 26.75
N ALA A 448 21.06 21.57 27.77
CA ALA A 448 21.20 20.90 29.05
C ALA A 448 19.85 20.73 29.73
N ILE A 449 18.97 21.75 29.62
CA ILE A 449 17.62 21.59 30.14
C ILE A 449 16.87 20.51 29.35
N ALA A 450 17.04 20.51 28.03
CA ALA A 450 16.27 19.59 27.18
C ALA A 450 16.59 18.13 27.48
N THR A 451 17.85 17.83 27.82
CA THR A 451 18.20 16.44 28.10
C THR A 451 17.71 15.98 29.46
N ILE A 452 17.24 16.87 30.31
CA ILE A 452 16.47 16.46 31.49
C ILE A 452 15.02 16.19 31.10
N GLN A 453 14.44 17.11 30.32
CA GLN A 453 13.03 17.04 29.95
C GLN A 453 12.71 15.81 29.12
N ASP A 454 13.68 15.27 28.39
CA ASP A 454 13.41 14.10 27.56
C ASP A 454 13.28 12.80 28.36
N GLY A 455 13.55 12.84 29.67
CA GLY A 455 13.33 11.69 30.53
C GLY A 455 14.49 10.74 30.72
N SER A 456 15.50 10.79 29.84
CA SER A 456 16.71 10.00 30.04
C SER A 456 17.72 10.84 30.81
N THR A 457 18.10 10.35 31.99
CA THR A 457 18.98 11.10 32.90
C THR A 457 20.14 10.22 33.35
N TYR A 458 21.03 10.83 34.12
CA TYR A 458 22.17 10.16 34.71
C TYR A 458 22.26 10.52 36.18
N THR A 459 22.75 9.59 36.99
CA THR A 459 23.07 9.91 38.38
C THR A 459 24.42 10.63 38.47
N LEU A 460 24.62 11.32 39.59
CA LEU A 460 25.93 11.91 39.86
C LEU A 460 27.06 10.89 39.71
N ALA A 461 26.86 9.68 40.24
CA ALA A 461 27.90 8.66 40.13
C ALA A 461 28.20 8.36 38.67
N GLN A 462 27.16 8.28 37.84
CA GLN A 462 27.38 8.04 36.41
C GLN A 462 28.08 9.23 35.76
N VAL A 463 27.67 10.46 36.09
CA VAL A 463 28.36 11.63 35.55
C VAL A 463 29.84 11.57 35.88
N PHE A 464 30.16 11.29 37.15
CA PHE A 464 31.57 11.28 37.55
C PHE A 464 32.36 10.18 36.84
N ASP A 465 31.71 9.09 36.43
CA ASP A 465 32.43 8.02 35.74
C ASP A 465 32.41 8.18 34.22
N THR A 466 32.08 9.36 33.71
CA THR A 466 32.06 9.58 32.28
C THR A 466 33.47 9.54 31.71
N THR A 467 33.62 8.86 30.58
CA THR A 467 34.86 8.86 29.81
C THR A 467 34.61 9.49 28.45
N TYR A 468 35.69 9.65 27.69
CA TYR A 468 35.57 10.11 26.31
C TYR A 468 35.23 9.00 25.33
N ASP A 469 35.18 7.74 25.77
CA ASP A 469 34.96 6.60 24.87
C ASP A 469 33.63 6.73 24.14
N GLY A 470 33.70 6.71 22.81
CA GLY A 470 32.50 6.87 22.00
C GLY A 470 32.00 8.29 21.89
N PHE A 471 32.65 9.24 22.57
CA PHE A 471 32.35 10.68 22.49
C PHE A 471 30.86 10.95 22.62
N ASP A 472 30.30 10.54 23.77
CA ASP A 472 28.90 10.76 24.09
C ASP A 472 28.74 12.22 24.49
N VAL A 473 28.48 13.07 23.50
CA VAL A 473 28.44 14.51 23.72
C VAL A 473 27.39 14.87 24.77
N ASP A 474 26.25 14.19 24.74
CA ASP A 474 25.20 14.45 25.73
C ASP A 474 25.70 14.21 27.14
N ARG A 475 26.34 13.05 27.37
CA ARG A 475 26.82 12.74 28.71
C ARG A 475 27.99 13.63 29.13
N ILE A 476 28.96 13.84 28.22
CA ILE A 476 30.16 14.61 28.56
C ILE A 476 29.82 16.08 28.81
N TYR A 477 29.20 16.74 27.83
CA TYR A 477 29.07 18.18 27.91
C TYR A 477 27.80 18.63 28.64
N ARG A 478 26.65 17.99 28.41
CA ARG A 478 25.44 18.47 29.05
C ARG A 478 25.37 18.03 30.51
N TRP A 479 25.62 16.75 30.76
CA TRP A 479 25.54 16.27 32.14
C TRP A 479 26.77 16.64 32.95
N GLY A 480 27.93 16.75 32.32
CA GLY A 480 29.05 17.38 33.00
C GLY A 480 28.72 18.80 33.43
N TYR A 481 28.07 19.56 32.56
CA TYR A 481 27.65 20.92 32.91
C TYR A 481 26.68 20.91 34.08
N LEU A 482 25.71 19.99 34.05
CA LEU A 482 24.65 20.00 35.07
C LEU A 482 25.21 19.72 36.46
N ALA A 483 26.12 18.73 36.58
CA ALA A 483 26.70 18.39 37.87
C ALA A 483 27.57 19.52 38.40
N VAL A 484 28.36 20.16 37.52
CA VAL A 484 29.22 21.26 37.94
C VAL A 484 28.38 22.44 38.39
N ARG A 485 27.37 22.82 37.59
CA ARG A 485 26.48 23.90 37.98
C ARG A 485 25.79 23.59 39.31
N PHE A 486 25.29 22.37 39.47
CA PHE A 486 24.65 21.98 40.73
C PHE A 486 25.59 22.16 41.92
N MET A 487 26.84 21.71 41.79
CA MET A 487 27.75 21.81 42.92
C MET A 487 28.12 23.25 43.22
N PHE A 488 28.27 24.09 42.19
CA PHE A 488 28.55 25.51 42.45
C PHE A 488 27.37 26.20 43.12
N GLU A 489 26.16 25.85 42.72
CA GLU A 489 24.98 26.51 43.28
C GLU A 489 24.67 26.01 44.67
N ARG A 490 24.83 24.71 44.94
CA ARG A 490 24.35 24.13 46.18
C ARG A 490 25.45 23.77 47.16
N HIS A 491 26.69 23.54 46.70
CA HIS A 491 27.76 23.09 47.59
C HIS A 491 29.11 23.69 47.21
N PRO A 492 29.20 25.03 47.12
CA PRO A 492 30.46 25.65 46.67
C PRO A 492 31.61 25.44 47.64
N ASP A 493 31.33 25.15 48.92
CA ASP A 493 32.41 24.81 49.83
C ASP A 493 32.98 23.43 49.50
N GLU A 494 32.11 22.49 49.11
CA GLU A 494 32.61 21.19 48.68
C GLU A 494 33.43 21.30 47.41
N VAL A 495 33.05 22.20 46.51
CA VAL A 495 33.84 22.41 45.29
C VAL A 495 35.27 22.84 45.64
N GLN A 496 35.41 23.80 46.56
CA GLN A 496 36.75 24.24 46.94
C GLN A 496 37.53 23.12 47.64
N ARG A 497 36.85 22.31 48.45
N ARG A 497 36.85 22.30 48.43
CA ARG A 497 37.49 21.14 49.05
CA ARG A 497 37.50 21.15 49.04
C ARG A 497 38.00 20.18 47.97
C ARG A 497 38.00 20.17 47.98
N MET A 498 37.19 19.95 46.94
CA MET A 498 37.63 19.11 45.82
C MET A 498 38.81 19.75 45.10
N LEU A 499 38.72 21.06 44.86
CA LEU A 499 39.77 21.76 44.15
C LEU A 499 41.07 21.74 44.93
N SER A 500 40.98 21.73 46.27
CA SER A 500 42.19 21.60 47.06
C SER A 500 42.92 20.30 46.74
N ALA A 501 42.16 19.23 46.45
CA ALA A 501 42.77 17.97 46.08
C ALA A 501 43.33 18.01 44.66
N THR A 502 42.56 18.52 43.70
CA THR A 502 43.00 18.50 42.30
C THR A 502 44.17 19.44 42.08
N ARG A 503 44.18 20.59 42.75
CA ARG A 503 45.26 21.56 42.60
C ARG A 503 46.59 21.01 43.11
N GLN A 504 46.55 20.04 44.00
CA GLN A 504 47.75 19.39 44.52
C GLN A 504 48.00 18.03 43.89
N GLY A 505 47.20 17.65 42.87
CA GLY A 505 47.36 16.34 42.25
C GLY A 505 47.07 15.19 43.18
N ARG A 506 46.11 15.34 44.09
CA ARG A 506 45.78 14.29 45.06
C ARG A 506 44.55 13.55 44.56
N TRP A 507 44.77 12.66 43.57
CA TRP A 507 43.65 12.14 42.78
C TRP A 507 42.81 11.14 43.55
N ALA A 508 43.44 10.29 44.36
CA ALA A 508 42.67 9.37 45.19
C ALA A 508 41.77 10.13 46.16
N GLU A 509 42.30 11.21 46.74
CA GLU A 509 41.50 12.03 47.64
C GLU A 509 40.38 12.73 46.89
N TYR A 510 40.67 13.22 45.67
CA TYR A 510 39.63 13.82 44.84
C TYR A 510 38.50 12.84 44.59
N LYS A 511 38.85 11.59 44.25
CA LYS A 511 37.83 10.59 43.93
C LYS A 511 36.98 10.25 45.15
N ALA A 512 37.60 10.18 46.34
CA ALA A 512 36.82 9.88 47.53
C ALA A 512 35.87 11.03 47.86
N ILE A 513 36.32 12.27 47.64
CA ILE A 513 35.45 13.43 47.87
C ILE A 513 34.20 13.32 46.99
N ILE A 514 34.39 13.17 45.68
CA ILE A 514 33.23 13.22 44.79
C ILE A 514 32.41 11.94 44.84
N SER A 515 32.99 10.81 45.24
CA SER A 515 32.15 9.64 45.45
C SER A 515 31.27 9.82 46.68
N GLY A 516 31.73 10.58 47.68
CA GLY A 516 30.86 10.94 48.78
C GLY A 516 29.71 11.82 48.33
N TRP A 517 29.97 12.74 47.39
CA TRP A 517 28.88 13.53 46.83
C TRP A 517 27.88 12.64 46.14
N ALA A 518 28.36 11.64 45.37
CA ALA A 518 27.45 10.81 44.60
C ALA A 518 26.51 10.01 45.50
N ASN A 519 26.91 9.75 46.75
CA ASN A 519 26.02 9.11 47.70
C ASN A 519 25.12 10.12 48.41
N GLN A 520 25.73 11.20 48.91
CA GLN A 520 25.01 12.11 49.80
C GLN A 520 24.06 13.03 49.05
N TYR A 521 24.43 13.47 47.86
CA TYR A 521 23.70 14.54 47.19
C TYR A 521 22.81 14.07 46.05
N GLN A 522 22.69 12.75 45.83
CA GLN A 522 21.99 12.26 44.65
C GLN A 522 20.52 12.65 44.65
N SER A 523 19.83 12.51 45.79
CA SER A 523 18.43 12.91 45.83
C SER A 523 18.28 14.40 45.59
N GLU A 524 19.17 15.20 46.17
CA GLU A 524 19.10 16.64 45.97
C GLU A 524 19.34 17.00 44.51
N PHE A 525 20.34 16.38 43.90
CA PHE A 525 20.58 16.57 42.47
C PHE A 525 19.36 16.18 41.64
N ALA A 526 18.71 15.07 42.00
CA ALA A 526 17.52 14.63 41.27
C ALA A 526 16.40 15.66 41.37
N GLN A 527 16.15 16.19 42.57
CA GLN A 527 15.15 17.25 42.72
C GLN A 527 15.58 18.52 42.00
N TRP A 528 16.88 18.81 42.01
CA TRP A 528 17.37 20.03 41.40
C TRP A 528 17.16 20.00 39.88
N THR A 529 17.52 18.88 39.23
CA THR A 529 17.30 18.80 37.80
C THR A 529 15.82 18.87 37.46
N GLU A 530 14.97 18.28 38.31
CA GLU A 530 13.52 18.33 38.09
C GLU A 530 13.03 19.77 38.13
N ALA A 531 13.43 20.53 39.15
CA ALA A 531 13.03 21.94 39.25
C ALA A 531 13.54 22.73 38.05
N LEU A 532 14.78 22.47 37.64
CA LEU A 532 15.34 23.12 36.46
C LEU A 532 14.51 22.83 35.21
N ALA A 533 14.19 21.56 34.98
CA ALA A 533 13.39 21.19 33.81
C ALA A 533 11.99 21.83 33.83
N LYS A 534 11.46 22.15 35.01
CA LYS A 534 10.12 22.72 35.10
C LYS A 534 10.12 24.20 34.70
N GLY A 535 11.02 24.99 35.26
CA GLY A 535 11.08 26.41 34.94
C GLY A 535 11.71 27.29 36.01
N GLN B 4 -8.07 -4.73 4.25
CA GLN B 4 -6.91 -4.34 3.46
C GLN B 4 -7.27 -3.40 2.31
N CYS B 5 -8.57 -3.23 2.06
CA CYS B 5 -9.03 -2.23 1.10
C CYS B 5 -9.20 -0.90 1.82
N ASP B 6 -8.74 0.18 1.19
CA ASP B 6 -8.86 1.53 1.73
C ASP B 6 -9.52 2.40 0.67
N LEU B 7 -10.84 2.57 0.77
CA LEU B 7 -11.57 3.35 -0.21
C LEU B 7 -11.13 4.82 -0.26
N SER B 8 -10.58 5.34 0.84
CA SER B 8 -10.19 6.74 0.86
C SER B 8 -9.11 7.05 -0.16
N GLN B 9 -8.23 6.08 -0.44
CA GLN B 9 -7.19 6.29 -1.44
C GLN B 9 -7.77 6.65 -2.80
N PHE B 10 -9.01 6.24 -3.08
CA PHE B 10 -9.68 6.61 -4.33
C PHE B 10 -10.34 7.98 -4.26
N GLN B 11 -10.50 8.54 -3.06
CA GLN B 11 -11.09 9.88 -2.91
C GLN B 11 -9.95 10.89 -2.99
N THR B 12 -9.52 11.17 -4.21
CA THR B 12 -8.36 12.02 -4.43
C THR B 12 -8.56 12.83 -5.69
N THR B 13 -7.79 13.92 -5.78
CA THR B 13 -7.82 14.80 -6.94
C THR B 13 -6.66 14.52 -7.90
N SER B 14 -5.78 13.61 -7.55
CA SER B 14 -4.60 13.27 -8.33
C SER B 14 -4.84 11.98 -9.10
N SER B 15 -4.80 12.04 -10.43
CA SER B 15 -4.99 10.82 -11.20
C SER B 15 -3.87 9.82 -10.96
N ASN B 16 -2.66 10.32 -10.68
CA ASN B 16 -1.53 9.43 -10.41
C ASN B 16 -1.72 8.67 -9.10
N GLN B 17 -2.29 9.33 -8.09
CA GLN B 17 -2.56 8.60 -6.84
C GLN B 17 -3.69 7.58 -7.04
N LEU B 18 -4.71 7.94 -7.83
CA LEU B 18 -5.81 7.01 -8.08
C LEU B 18 -5.31 5.74 -8.76
N MET B 19 -4.49 5.88 -9.80
CA MET B 19 -3.96 4.70 -10.47
C MET B 19 -3.01 3.92 -9.58
N ALA B 20 -2.27 4.61 -8.69
CA ALA B 20 -1.47 3.88 -7.71
C ALA B 20 -2.36 3.06 -6.79
N ALA B 21 -3.53 3.59 -6.43
CA ALA B 21 -4.45 2.82 -5.59
C ALA B 21 -5.07 1.66 -6.36
N ILE B 22 -5.43 1.88 -7.63
CA ILE B 22 -5.96 0.79 -8.44
C ILE B 22 -4.96 -0.35 -8.54
N ARG B 23 -3.71 -0.03 -8.87
CA ARG B 23 -2.74 -1.10 -9.08
C ARG B 23 -2.34 -1.76 -7.76
N GLN B 24 -2.24 -0.97 -6.68
CA GLN B 24 -1.80 -1.53 -5.40
C GLN B 24 -2.92 -2.29 -4.70
N GLN B 25 -4.16 -1.79 -4.75
CA GLN B 25 -5.23 -2.49 -4.06
C GLN B 25 -5.84 -3.61 -4.89
N GLY B 26 -5.77 -3.54 -6.22
CA GLY B 26 -6.22 -4.64 -7.05
C GLY B 26 -7.72 -4.68 -7.25
N ALA B 27 -8.14 -5.62 -8.09
CA ALA B 27 -9.53 -5.66 -8.57
C ALA B 27 -10.52 -5.91 -7.43
N SER B 28 -10.10 -6.60 -6.38
CA SER B 28 -11.02 -6.89 -5.28
C SER B 28 -11.44 -5.62 -4.55
N CYS B 29 -10.55 -4.64 -4.45
CA CYS B 29 -10.90 -3.38 -3.80
C CYS B 29 -11.57 -2.37 -4.73
N VAL B 30 -11.17 -2.36 -6.01
CA VAL B 30 -11.86 -1.57 -7.02
C VAL B 30 -13.33 -1.95 -7.07
N ASN B 31 -13.60 -3.26 -6.88
CA ASN B 31 -14.97 -3.76 -6.88
C ASN B 31 -15.85 -3.06 -5.84
N ALA B 32 -15.24 -2.53 -4.76
CA ALA B 32 -16.02 -1.86 -3.74
C ALA B 32 -16.59 -0.52 -4.21
N LEU B 33 -16.10 0.03 -5.31
CA LEU B 33 -16.59 1.30 -5.79
C LEU B 33 -18.02 1.21 -6.32
N PHE B 34 -18.47 0.03 -6.75
CA PHE B 34 -19.86 -0.09 -7.24
C PHE B 34 -20.86 0.31 -6.16
N SER B 35 -20.52 0.08 -4.89
CA SER B 35 -21.44 0.26 -3.77
C SER B 35 -20.88 1.23 -2.73
N ALA B 36 -20.09 2.20 -3.17
CA ALA B 36 -19.50 3.14 -2.23
C ALA B 36 -20.38 4.38 -2.08
N ASP B 37 -20.11 5.15 -1.04
CA ASP B 37 -20.82 6.40 -0.82
C ASP B 37 -20.59 7.36 -1.98
N THR B 38 -21.62 8.16 -2.29
CA THR B 38 -21.52 9.10 -3.40
C THR B 38 -20.37 10.08 -3.23
N GLY B 39 -19.94 10.33 -2.00
CA GLY B 39 -18.73 11.11 -1.80
C GLY B 39 -17.51 10.43 -2.38
N VAL B 40 -17.37 9.12 -2.17
CA VAL B 40 -16.29 8.36 -2.78
C VAL B 40 -16.46 8.34 -4.30
N GLN B 41 -17.68 8.07 -4.78
CA GLN B 41 -17.90 7.86 -6.21
C GLN B 41 -17.69 9.14 -7.01
N GLU B 42 -18.13 10.28 -6.46
CA GLU B 42 -17.96 11.55 -7.17
C GLU B 42 -16.48 11.92 -7.29
N ALA B 43 -15.69 11.62 -6.26
CA ALA B 43 -14.26 11.89 -6.34
C ALA B 43 -13.57 10.89 -7.25
N ALA B 44 -13.90 9.60 -7.08
CA ALA B 44 -13.23 8.56 -7.86
C ALA B 44 -13.54 8.68 -9.35
N PHE B 45 -14.75 9.09 -9.72
CA PHE B 45 -15.22 8.98 -11.11
C PHE B 45 -15.43 10.34 -11.80
N SER B 46 -14.57 11.31 -11.51
CA SER B 46 -14.57 12.53 -12.31
C SER B 46 -14.26 12.20 -13.77
N SER B 47 -14.68 13.09 -14.67
CA SER B 47 -14.35 12.92 -16.08
C SER B 47 -12.84 12.93 -16.31
N ASN B 48 -12.13 13.80 -15.61
CA ASN B 48 -10.67 13.85 -15.72
C ASN B 48 -10.02 12.53 -15.31
N HIS B 49 -10.48 11.92 -14.23
CA HIS B 49 -9.93 10.63 -13.83
C HIS B 49 -10.23 9.56 -14.87
N MET B 50 -11.49 9.47 -15.29
CA MET B 50 -11.86 8.47 -16.30
C MET B 50 -11.01 8.64 -17.54
N TYR B 51 -10.85 9.89 -18.01
CA TYR B 51 -9.98 10.14 -19.17
C TYR B 51 -8.55 9.66 -18.91
N ASN B 52 -7.96 10.10 -17.79
CA ASN B 52 -6.55 9.81 -17.54
C ASN B 52 -6.32 8.31 -17.33
N VAL B 53 -7.24 7.64 -16.63
CA VAL B 53 -7.08 6.20 -16.42
C VAL B 53 -7.21 5.46 -17.76
N ALA B 54 -8.16 5.87 -18.61
CA ALA B 54 -8.31 5.25 -19.91
C ALA B 54 -7.05 5.43 -20.78
N GLN B 55 -6.45 6.61 -20.73
CA GLN B 55 -5.25 6.89 -21.51
C GLN B 55 -4.08 6.03 -21.05
N TYR B 56 -3.99 5.80 -19.74
CA TYR B 56 -2.94 4.93 -19.20
C TYR B 56 -3.24 3.47 -19.50
N THR B 57 -4.49 3.04 -19.28
CA THR B 57 -4.88 1.69 -19.64
C THR B 57 -4.53 1.40 -21.09
N ARG B 58 -4.71 2.40 -21.93
CA ARG B 58 -4.46 2.21 -23.35
C ARG B 58 -2.99 1.86 -23.59
N THR B 59 -2.05 2.61 -23.01
CA THR B 59 -0.68 2.25 -23.34
C THR B 59 -0.27 0.98 -22.65
N LEU B 60 -0.82 0.69 -21.46
CA LEU B 60 -0.54 -0.58 -20.80
C LEU B 60 -1.09 -1.75 -21.61
N ALA B 61 -2.29 -1.60 -22.21
CA ALA B 61 -2.83 -2.65 -23.06
C ALA B 61 -2.03 -2.81 -24.35
N GLN B 62 -1.49 -1.73 -24.91
CA GLN B 62 -0.61 -1.88 -26.07
C GLN B 62 0.62 -2.70 -25.73
N GLN B 63 1.11 -2.59 -24.50
CA GLN B 63 2.32 -3.30 -24.08
C GLN B 63 2.05 -4.71 -23.57
N TYR B 64 0.78 -5.10 -23.45
CA TYR B 64 0.42 -6.41 -22.88
C TYR B 64 1.01 -7.55 -23.71
N ALA B 65 1.63 -8.51 -23.04
CA ALA B 65 2.27 -9.64 -23.71
C ALA B 65 1.68 -10.98 -23.28
N GLY B 66 0.37 -11.02 -23.01
CA GLY B 66 -0.29 -12.28 -22.74
C GLY B 66 -0.16 -12.71 -21.29
N GLY B 67 -0.83 -13.81 -20.98
CA GLY B 67 -0.70 -14.43 -19.67
C GLY B 67 -1.50 -13.78 -18.55
N GLY B 68 -2.39 -12.84 -18.86
CA GLY B 68 -3.15 -12.15 -17.85
C GLY B 68 -2.42 -10.94 -17.31
N SER B 69 -3.16 -10.10 -16.59
CA SER B 69 -2.60 -8.87 -16.03
C SER B 69 -3.50 -8.43 -14.88
N ASP B 70 -3.01 -8.57 -13.64
CA ASP B 70 -3.79 -8.09 -12.49
C ASP B 70 -4.07 -6.60 -12.60
N GLU B 71 -3.13 -5.83 -13.14
CA GLU B 71 -3.31 -4.37 -13.21
C GLU B 71 -4.36 -4.00 -14.24
N LEU B 72 -4.25 -4.54 -15.46
CA LEU B 72 -5.26 -4.28 -16.49
C LEU B 72 -6.64 -4.76 -16.04
N GLU B 73 -6.70 -5.88 -15.32
CA GLU B 73 -7.97 -6.32 -14.77
C GLU B 73 -8.59 -5.25 -13.88
N ALA B 74 -7.80 -4.70 -12.96
CA ALA B 74 -8.29 -3.66 -12.06
C ALA B 74 -8.66 -2.39 -12.83
N LEU B 75 -7.91 -2.07 -13.88
CA LEU B 75 -8.14 -0.81 -14.59
C LEU B 75 -9.45 -0.86 -15.38
N TYR B 76 -9.69 -1.95 -16.12
CA TYR B 76 -10.94 -2.03 -16.88
C TYR B 76 -12.13 -2.16 -15.93
N LEU B 77 -11.95 -2.87 -14.82
CA LEU B 77 -13.00 -2.90 -13.80
C LEU B 77 -13.32 -1.50 -13.30
N TYR B 78 -12.27 -0.71 -12.99
CA TYR B 78 -12.51 0.66 -12.57
C TYR B 78 -13.29 1.43 -13.63
N LEU B 79 -12.87 1.30 -14.89
CA LEU B 79 -13.51 2.06 -15.96
C LEU B 79 -15.00 1.71 -16.08
N ARG B 80 -15.34 0.41 -16.07
CA ARG B 80 -16.74 0.06 -16.23
C ARG B 80 -17.53 0.33 -14.95
N ALA B 81 -16.88 0.26 -13.79
CA ALA B 81 -17.53 0.71 -12.55
C ALA B 81 -17.95 2.17 -12.67
N GLY B 82 -17.14 2.97 -13.35
CA GLY B 82 -17.49 4.38 -13.51
C GLY B 82 -18.78 4.56 -14.28
N TYR B 83 -19.00 3.73 -15.30
CA TYR B 83 -20.25 3.85 -16.05
C TYR B 83 -21.44 3.38 -15.23
N TYR B 84 -21.22 2.38 -14.37
CA TYR B 84 -22.28 1.97 -13.44
C TYR B 84 -22.66 3.13 -12.53
N ALA B 85 -21.67 3.73 -11.87
CA ALA B 85 -21.94 4.85 -10.97
C ALA B 85 -22.51 6.03 -11.74
N GLU B 86 -21.98 6.31 -12.93
CA GLU B 86 -22.52 7.40 -13.73
C GLU B 86 -23.99 7.19 -14.01
N PHE B 87 -24.39 5.96 -14.34
CA PHE B 87 -25.78 5.69 -14.66
C PHE B 87 -26.68 5.84 -13.44
N TYR B 88 -26.25 5.31 -12.30
CA TYR B 88 -27.13 5.26 -11.14
C TYR B 88 -26.97 6.42 -10.17
N ASN B 89 -25.86 7.16 -10.21
CA ASN B 89 -25.61 8.28 -9.32
C ASN B 89 -25.92 9.58 -10.05
N SER B 90 -26.92 10.33 -9.58
CA SER B 90 -27.32 11.54 -10.29
C SER B 90 -26.32 12.69 -10.14
N ASN B 91 -25.33 12.57 -9.26
CA ASN B 91 -24.28 13.56 -9.11
C ASN B 91 -23.12 13.37 -10.07
N ILE B 92 -23.19 12.41 -10.99
CA ILE B 92 -22.07 12.08 -11.85
C ILE B 92 -22.56 12.07 -13.30
N THR B 93 -21.98 12.93 -14.13
CA THR B 93 -22.29 12.98 -15.55
C THR B 93 -20.99 13.16 -16.32
N PHE B 94 -20.61 12.16 -17.11
CA PHE B 94 -19.35 12.22 -17.84
C PHE B 94 -19.40 13.27 -18.94
N LEU B 95 -18.30 14.00 -19.11
CA LEU B 95 -18.19 14.92 -20.23
C LEU B 95 -17.92 14.13 -21.52
N SER B 96 -18.13 14.82 -22.65
CA SER B 96 -18.20 14.13 -23.95
C SER B 96 -16.89 13.44 -24.36
N TRP B 97 -15.76 13.87 -23.81
CA TRP B 97 -14.50 13.29 -24.27
C TRP B 97 -14.10 12.04 -23.48
N VAL B 98 -14.93 11.59 -22.54
CA VAL B 98 -14.59 10.42 -21.73
C VAL B 98 -14.71 9.13 -22.54
N THR B 99 -15.87 8.89 -23.15
CA THR B 99 -16.08 7.62 -23.84
C THR B 99 -15.14 7.40 -25.02
N PRO B 100 -14.79 8.39 -25.84
CA PRO B 100 -13.75 8.14 -26.86
C PRO B 100 -12.43 7.65 -26.27
N ALA B 101 -12.04 8.12 -25.08
CA ALA B 101 -10.81 7.63 -24.46
C ALA B 101 -10.98 6.19 -23.99
N VAL B 102 -12.15 5.88 -23.42
CA VAL B 102 -12.41 4.50 -23.01
C VAL B 102 -12.40 3.58 -24.22
N LYS B 103 -12.96 4.05 -25.34
CA LYS B 103 -12.91 3.23 -26.56
C LYS B 103 -11.48 2.99 -27.00
N GLY B 104 -10.63 4.01 -26.90
CA GLY B 104 -9.21 3.80 -27.15
C GLY B 104 -8.58 2.76 -26.24
N ALA B 105 -8.95 2.77 -24.95
CA ALA B 105 -8.40 1.77 -24.03
C ALA B 105 -8.85 0.36 -24.42
N VAL B 106 -10.11 0.20 -24.82
CA VAL B 106 -10.58 -1.11 -25.25
C VAL B 106 -9.95 -1.49 -26.58
N ASP B 107 -9.87 -0.54 -27.52
CA ASP B 107 -9.25 -0.81 -28.83
C ASP B 107 -7.84 -1.36 -28.68
N ALA B 108 -7.06 -0.80 -27.75
CA ALA B 108 -5.68 -1.24 -27.59
C ALA B 108 -5.62 -2.71 -27.20
N PHE B 109 -6.53 -3.14 -26.34
CA PHE B 109 -6.53 -4.54 -25.93
C PHE B 109 -7.02 -5.44 -27.06
N VAL B 110 -8.05 -4.99 -27.80
CA VAL B 110 -8.60 -5.74 -28.92
C VAL B 110 -7.56 -5.86 -30.04
N GLN B 111 -6.78 -4.81 -30.27
CA GLN B 111 -5.81 -4.82 -31.36
C GLN B 111 -4.51 -5.49 -30.97
N ASN B 112 -4.25 -5.70 -29.69
CA ASN B 112 -3.06 -6.42 -29.25
C ASN B 112 -3.06 -7.83 -29.83
N ALA B 113 -1.87 -8.33 -30.15
CA ALA B 113 -1.74 -9.65 -30.78
C ALA B 113 -2.27 -10.77 -29.89
N HIS B 114 -2.38 -10.53 -28.60
CA HIS B 114 -2.80 -11.55 -27.64
C HIS B 114 -4.29 -11.55 -27.37
N PHE B 115 -5.07 -10.73 -28.09
CA PHE B 115 -6.48 -10.60 -27.77
C PHE B 115 -7.18 -11.97 -27.77
N TYR B 116 -6.95 -12.78 -28.82
CA TYR B 116 -7.60 -14.08 -28.91
C TYR B 116 -6.80 -15.20 -28.24
N ASP B 117 -5.93 -14.86 -27.29
CA ASP B 117 -5.26 -15.91 -26.52
C ASP B 117 -6.26 -16.74 -25.72
N ASN B 118 -5.84 -17.95 -25.36
CA ASN B 118 -6.55 -18.84 -24.47
C ASN B 118 -5.96 -18.72 -23.06
N GLY B 119 -6.69 -19.27 -22.07
CA GLY B 119 -6.13 -19.38 -20.73
C GLY B 119 -6.92 -18.65 -19.68
N ASP B 120 -6.91 -19.17 -18.44
CA ASP B 120 -7.73 -18.57 -17.39
C ASP B 120 -7.24 -17.17 -17.01
N ALA B 121 -5.92 -16.98 -16.94
CA ALA B 121 -5.38 -15.66 -16.57
C ALA B 121 -5.78 -14.61 -17.59
N HIS B 122 -5.52 -14.89 -18.86
CA HIS B 122 -5.95 -14.01 -19.92
C HIS B 122 -7.47 -13.78 -19.88
N GLY B 123 -8.23 -14.84 -19.63
CA GLY B 123 -9.69 -14.70 -19.55
C GLY B 123 -10.16 -13.74 -18.48
N LYS B 124 -9.39 -13.60 -17.39
CA LYS B 124 -9.81 -12.73 -16.31
C LYS B 124 -9.82 -11.26 -16.75
N VAL B 125 -8.82 -10.84 -17.52
CA VAL B 125 -8.79 -9.46 -18.00
C VAL B 125 -9.67 -9.31 -19.24
N LEU B 126 -9.66 -10.31 -20.14
CA LEU B 126 -10.58 -10.29 -21.28
C LEU B 126 -12.03 -10.06 -20.84
N ASN B 127 -12.46 -10.74 -19.77
CA ASN B 127 -13.80 -10.56 -19.24
C ASN B 127 -14.10 -9.09 -18.94
N GLU B 128 -13.21 -8.42 -18.20
CA GLU B 128 -13.46 -7.02 -17.90
C GLU B 128 -13.46 -6.16 -19.15
N VAL B 129 -12.68 -6.54 -20.18
CA VAL B 129 -12.69 -5.78 -21.41
C VAL B 129 -14.02 -5.92 -22.14
N ILE B 130 -14.51 -7.16 -22.26
CA ILE B 130 -15.75 -7.41 -23.00
C ILE B 130 -16.93 -6.77 -22.28
N ILE B 131 -16.95 -6.81 -20.95
CA ILE B 131 -18.04 -6.15 -20.22
C ILE B 131 -17.99 -4.64 -20.46
N THR B 132 -16.77 -4.07 -20.49
CA THR B 132 -16.65 -2.63 -20.67
C THR B 132 -17.25 -2.18 -21.99
N MET B 133 -17.11 -2.99 -23.05
CA MET B 133 -17.76 -2.68 -24.32
C MET B 133 -19.26 -2.45 -24.15
N ASP B 134 -19.90 -3.18 -23.23
CA ASP B 134 -21.33 -2.98 -22.99
C ASP B 134 -21.55 -1.81 -22.05
N SER B 135 -20.82 -1.76 -20.92
CA SER B 135 -20.97 -0.71 -19.93
C SER B 135 -20.80 0.66 -20.56
N ALA B 136 -19.84 0.79 -21.48
CA ALA B 136 -19.49 2.08 -22.04
C ALA B 136 -20.33 2.43 -23.25
N GLY B 137 -21.29 1.58 -23.63
CA GLY B 137 -22.12 1.86 -24.80
C GLY B 137 -21.37 1.81 -26.12
N LEU B 138 -20.43 0.88 -26.26
CA LEU B 138 -19.63 0.74 -27.47
C LEU B 138 -20.02 -0.48 -28.29
N GLN B 139 -21.24 -1.00 -28.10
CA GLN B 139 -21.63 -2.24 -28.76
C GLN B 139 -21.48 -2.13 -30.27
N HIS B 140 -21.70 -0.94 -30.84
CA HIS B 140 -21.69 -0.75 -32.28
C HIS B 140 -20.30 -0.89 -32.87
N ALA B 141 -19.26 -0.82 -32.06
CA ALA B 141 -17.90 -0.74 -32.55
C ALA B 141 -17.18 -2.09 -32.58
N TYR B 142 -17.77 -3.15 -32.03
N TYR B 142 -17.78 -3.15 -32.06
CA TYR B 142 -17.04 -4.42 -31.90
CA TYR B 142 -17.05 -4.41 -31.91
C TYR B 142 -17.84 -5.59 -32.45
C TYR B 142 -17.84 -5.60 -32.46
N LEU B 143 -18.71 -5.36 -33.43
CA LEU B 143 -19.46 -6.47 -34.03
C LEU B 143 -18.53 -7.50 -34.66
N ASP B 144 -17.43 -7.04 -35.24
CA ASP B 144 -16.50 -7.98 -35.84
C ASP B 144 -15.80 -8.83 -34.78
N VAL B 145 -15.56 -8.25 -33.60
CA VAL B 145 -15.02 -9.00 -32.47
C VAL B 145 -15.97 -10.12 -32.06
N VAL B 146 -17.26 -9.80 -31.98
CA VAL B 146 -18.23 -10.85 -31.66
C VAL B 146 -18.16 -11.95 -32.70
N THR B 147 -18.11 -11.58 -33.98
CA THR B 147 -18.03 -12.59 -35.03
C THR B 147 -16.76 -13.43 -34.90
N GLN B 148 -15.64 -12.79 -34.57
CA GLN B 148 -14.37 -13.49 -34.45
C GLN B 148 -14.41 -14.50 -33.31
N TRP B 149 -14.92 -14.09 -32.15
CA TRP B 149 -14.97 -15.03 -31.02
C TRP B 149 -15.88 -16.20 -31.31
N LEU B 150 -17.07 -15.95 -31.88
CA LEU B 150 -17.97 -17.03 -32.25
C LEU B 150 -17.35 -17.98 -33.27
N THR B 151 -16.54 -17.44 -34.18
CA THR B 151 -15.89 -18.25 -35.21
C THR B 151 -14.65 -18.98 -34.67
N ARG B 152 -13.91 -18.36 -33.74
CA ARG B 152 -12.70 -19.00 -33.23
C ARG B 152 -12.97 -19.96 -32.09
N TRP B 153 -14.07 -19.81 -31.36
CA TRP B 153 -14.31 -20.65 -30.18
C TRP B 153 -14.16 -22.14 -30.52
N ASN B 154 -13.52 -22.89 -29.62
CA ASN B 154 -13.36 -24.34 -29.81
C ASN B 154 -13.28 -25.03 -28.45
N ALA B 155 -13.05 -26.35 -28.48
CA ALA B 155 -13.00 -27.13 -27.24
C ALA B 155 -11.87 -26.70 -26.32
N GLN B 156 -10.78 -26.16 -26.87
CA GLN B 156 -9.65 -25.76 -26.03
C GLN B 156 -9.93 -24.47 -25.26
N TYR B 157 -10.58 -23.49 -25.91
CA TYR B 157 -11.05 -22.33 -25.15
C TYR B 157 -12.04 -22.76 -24.08
N ALA B 158 -12.90 -23.73 -24.41
CA ALA B 158 -13.94 -24.20 -23.51
C ALA B 158 -13.40 -24.90 -22.26
N GLU B 159 -12.13 -25.29 -22.25
CA GLU B 159 -11.57 -25.91 -21.06
C GLU B 159 -11.51 -24.95 -19.89
N HIS B 160 -11.55 -23.64 -20.14
CA HIS B 160 -11.20 -22.65 -19.13
C HIS B 160 -12.45 -21.91 -18.68
N TRP B 161 -12.75 -22.04 -17.39
CA TRP B 161 -13.89 -21.36 -16.79
C TRP B 161 -13.89 -19.87 -17.12
N TYR B 162 -12.74 -19.20 -16.93
CA TYR B 162 -12.71 -17.75 -17.15
C TYR B 162 -12.80 -17.39 -18.63
N MET B 163 -12.43 -18.29 -19.54
CA MET B 163 -12.66 -18.01 -20.95
C MET B 163 -14.14 -18.14 -21.31
N ARG B 164 -14.79 -19.20 -20.79
CA ARG B 164 -16.23 -19.33 -20.99
C ARG B 164 -16.95 -18.13 -20.44
N ASN B 165 -16.58 -17.72 -19.22
CA ASN B 165 -17.26 -16.58 -18.65
C ASN B 165 -17.01 -15.31 -19.47
N ALA B 166 -15.78 -15.13 -19.94
CA ALA B 166 -15.41 -13.92 -20.67
C ALA B 166 -16.13 -13.84 -22.02
N VAL B 167 -16.08 -14.91 -22.80
CA VAL B 167 -16.63 -14.83 -24.16
C VAL B 167 -18.15 -14.87 -24.13
N ASN B 168 -18.76 -15.44 -23.10
CA ASN B 168 -20.21 -15.32 -22.97
C ASN B 168 -20.67 -13.87 -22.91
N GLY B 169 -19.81 -12.95 -22.49
CA GLY B 169 -20.20 -11.54 -22.52
C GLY B 169 -20.43 -10.96 -23.90
N VAL B 170 -20.03 -11.65 -24.97
CA VAL B 170 -20.33 -11.10 -26.29
C VAL B 170 -21.83 -11.15 -26.56
N PHE B 171 -22.57 -12.04 -25.89
CA PHE B 171 -24.02 -12.08 -26.08
C PHE B 171 -24.69 -10.94 -25.35
N THR B 172 -24.17 -10.58 -24.17
CA THR B 172 -24.66 -9.38 -23.48
C THR B 172 -24.44 -8.13 -24.31
N LEU B 173 -23.32 -8.07 -25.05
CA LEU B 173 -23.09 -6.96 -25.95
C LEU B 173 -24.20 -6.84 -26.99
N LEU B 174 -24.57 -7.96 -27.61
CA LEU B 174 -25.66 -7.90 -28.59
C LEU B 174 -26.97 -7.50 -27.92
N PHE B 175 -27.19 -7.99 -26.70
CA PHE B 175 -28.39 -7.62 -25.96
C PHE B 175 -28.42 -6.11 -25.69
N GLY B 176 -27.32 -5.57 -25.17
CA GLY B 176 -27.26 -4.14 -24.87
C GLY B 176 -27.29 -3.25 -26.10
N GLY B 177 -26.81 -3.76 -27.23
CA GLY B 177 -26.89 -3.04 -28.48
C GLY B 177 -28.28 -2.56 -28.88
N GLN B 178 -29.32 -3.23 -28.39
CA GLN B 178 -30.70 -2.78 -28.63
C GLN B 178 -30.91 -1.31 -28.27
N TRP B 179 -30.22 -0.80 -27.25
CA TRP B 179 -30.37 0.56 -26.78
C TRP B 179 -29.31 1.50 -27.35
N ASN B 180 -28.63 1.09 -28.40
CA ASN B 180 -27.51 1.83 -28.98
C ASN B 180 -27.92 2.13 -30.41
N ASN B 181 -28.19 3.41 -30.71
CA ASN B 181 -28.72 3.78 -32.02
C ASN B 181 -27.71 3.50 -33.14
N GLN B 182 -26.41 3.59 -32.86
CA GLN B 182 -25.42 3.25 -33.88
C GLN B 182 -25.43 1.76 -34.16
N TYR B 183 -25.69 0.94 -33.14
CA TYR B 183 -25.77 -0.50 -33.32
C TYR B 183 -26.99 -0.87 -34.15
N THR B 184 -28.17 -0.40 -33.73
CA THR B 184 -29.39 -0.75 -34.47
C THR B 184 -29.35 -0.25 -35.90
N SER B 185 -28.53 0.75 -36.20
CA SER B 185 -28.41 1.15 -37.60
C SER B 185 -27.43 0.29 -38.39
N LEU B 186 -26.59 -0.50 -37.72
CA LEU B 186 -25.59 -1.37 -38.34
C LEU B 186 -26.02 -2.82 -38.41
N ILE B 187 -26.84 -3.27 -37.46
CA ILE B 187 -26.96 -4.70 -37.18
C ILE B 187 -27.64 -5.43 -38.33
N GLY B 188 -28.55 -4.76 -39.04
CA GLY B 188 -29.30 -5.38 -40.12
C GLY B 188 -28.45 -5.77 -41.32
N GLU B 189 -27.20 -5.32 -41.39
CA GLU B 189 -26.30 -5.74 -42.46
C GLU B 189 -25.31 -6.82 -42.02
N GLN B 190 -25.37 -7.30 -40.78
CA GLN B 190 -24.31 -8.17 -40.26
C GLN B 190 -24.61 -9.63 -40.59
N THR B 191 -24.45 -9.97 -41.88
CA THR B 191 -24.70 -11.35 -42.31
C THR B 191 -23.66 -12.31 -41.74
N ALA B 192 -22.40 -11.88 -41.67
CA ALA B 192 -21.36 -12.74 -41.10
C ALA B 192 -21.66 -13.06 -39.64
N LEU B 193 -22.14 -12.07 -38.87
CA LEU B 193 -22.47 -12.32 -37.47
C LEU B 193 -23.62 -13.33 -37.34
N VAL B 194 -24.62 -13.22 -38.23
CA VAL B 194 -25.76 -14.13 -38.16
C VAL B 194 -25.30 -15.57 -38.42
N THR B 195 -24.44 -15.75 -39.41
CA THR B 195 -23.94 -17.08 -39.72
C THR B 195 -23.16 -17.66 -38.55
N ALA B 196 -22.34 -16.83 -37.91
CA ALA B 196 -21.54 -17.28 -36.78
C ALA B 196 -22.43 -17.66 -35.60
N LEU B 197 -23.42 -16.83 -35.28
CA LEU B 197 -24.40 -17.14 -34.23
C LEU B 197 -25.08 -18.48 -34.49
N GLN B 198 -25.59 -18.64 -35.71
CA GLN B 198 -26.26 -19.88 -36.12
C GLN B 198 -25.36 -21.10 -35.96
N ALA B 199 -24.15 -21.07 -36.54
CA ALA B 199 -23.26 -22.23 -36.46
C ALA B 199 -22.88 -22.52 -35.01
N PHE B 200 -22.62 -21.47 -34.23
CA PHE B 200 -22.29 -21.64 -32.82
C PHE B 200 -23.42 -22.39 -32.09
N ALA B 201 -24.66 -21.98 -32.32
CA ALA B 201 -25.81 -22.61 -31.68
C ALA B 201 -26.04 -24.04 -32.18
N LEU B 202 -25.74 -24.34 -33.45
CA LEU B 202 -26.07 -25.65 -34.02
C LEU B 202 -24.98 -26.69 -33.79
N ASP B 203 -23.90 -26.32 -33.13
CA ASP B 203 -22.79 -27.21 -32.79
C ASP B 203 -23.24 -28.22 -31.74
N ARG B 204 -23.51 -29.46 -32.17
CA ARG B 204 -24.04 -30.47 -31.25
CA ARG B 204 -24.03 -30.48 -31.26
C ARG B 204 -23.05 -30.82 -30.14
N THR B 205 -21.75 -30.56 -30.32
CA THR B 205 -20.80 -30.92 -29.26
C THR B 205 -20.96 -30.04 -28.01
N LYS B 206 -21.71 -28.94 -28.08
CA LYS B 206 -21.93 -28.16 -26.88
C LYS B 206 -23.07 -28.70 -26.02
N VAL B 207 -23.91 -29.57 -26.58
CA VAL B 207 -25.03 -30.13 -25.82
C VAL B 207 -24.51 -30.97 -24.67
N ASN B 208 -25.13 -30.82 -23.50
CA ASN B 208 -24.75 -31.56 -22.29
C ASN B 208 -23.34 -31.25 -21.85
N SER B 209 -22.76 -30.16 -22.31
CA SER B 209 -21.41 -29.74 -21.98
C SER B 209 -21.43 -28.48 -21.11
N PRO B 210 -20.29 -28.10 -20.53
CA PRO B 210 -20.24 -26.83 -19.78
C PRO B 210 -20.42 -25.58 -20.65
N THR B 211 -20.49 -25.71 -21.98
CA THR B 211 -20.73 -24.56 -22.85
C THR B 211 -22.12 -24.59 -23.47
N GLU B 212 -23.00 -25.46 -23.02
CA GLU B 212 -24.35 -25.42 -23.60
C GLU B 212 -25.02 -24.09 -23.28
N PHE B 213 -24.73 -23.49 -22.13
CA PHE B 213 -25.35 -22.21 -21.81
C PHE B 213 -24.93 -21.13 -22.79
N MET B 214 -23.73 -21.26 -23.37
CA MET B 214 -23.30 -20.29 -24.39
C MET B 214 -24.05 -20.50 -25.69
N ALA B 215 -24.26 -21.77 -26.06
CA ALA B 215 -25.06 -22.06 -27.25
C ALA B 215 -26.47 -21.55 -27.07
N ALA B 216 -27.04 -21.71 -25.87
CA ALA B 216 -28.37 -21.20 -25.61
C ALA B 216 -28.42 -19.69 -25.78
N ASN B 217 -27.39 -18.98 -25.29
CA ASN B 217 -27.36 -17.52 -25.41
C ASN B 217 -27.20 -17.08 -26.86
N ALA B 218 -26.41 -17.82 -27.65
CA ALA B 218 -26.30 -17.53 -29.08
C ALA B 218 -27.66 -17.62 -29.75
N ALA B 219 -28.39 -18.70 -29.47
CA ALA B 219 -29.73 -18.87 -30.04
C ALA B 219 -30.65 -17.74 -29.59
N ARG B 220 -30.58 -17.41 -28.31
CA ARG B 220 -31.37 -16.33 -27.75
C ARG B 220 -31.11 -15.02 -28.48
N GLU B 221 -29.82 -14.68 -28.67
CA GLU B 221 -29.50 -13.44 -29.37
C GLU B 221 -29.86 -13.54 -30.85
N LEU B 222 -29.76 -14.73 -31.44
CA LEU B 222 -30.21 -14.88 -32.82
C LEU B 222 -31.70 -14.57 -32.93
N GLY B 223 -32.50 -15.10 -31.99
CA GLY B 223 -33.93 -14.84 -32.02
C GLY B 223 -34.25 -13.36 -31.90
N ARG B 224 -33.47 -12.63 -31.08
CA ARG B 224 -33.72 -11.21 -30.94
C ARG B 224 -33.58 -10.47 -32.28
N LEU B 225 -32.73 -10.99 -33.17
CA LEU B 225 -32.55 -10.38 -34.49
C LEU B 225 -33.77 -10.55 -35.38
N ALA B 226 -34.76 -11.35 -34.97
CA ALA B 226 -35.99 -11.41 -35.75
C ALA B 226 -36.74 -10.10 -35.74
N ARG B 227 -36.35 -9.17 -34.86
CA ARG B 227 -36.90 -7.82 -34.86
C ARG B 227 -36.76 -7.15 -36.22
N TYR B 228 -35.65 -7.37 -36.91
CA TYR B 228 -35.29 -6.60 -38.10
C TYR B 228 -35.86 -7.28 -39.34
N THR B 229 -37.19 -7.15 -39.47
CA THR B 229 -37.95 -7.96 -40.43
C THR B 229 -37.67 -7.60 -41.88
N ASP B 230 -37.26 -6.37 -42.16
CA ASP B 230 -36.97 -5.95 -43.52
C ASP B 230 -35.47 -5.84 -43.82
N ALA B 231 -34.61 -6.12 -42.85
CA ALA B 231 -33.18 -5.91 -43.00
C ALA B 231 -32.55 -6.99 -43.89
N THR B 232 -31.36 -6.66 -44.41
CA THR B 232 -30.59 -7.60 -45.22
C THR B 232 -30.42 -8.95 -44.53
N ILE B 233 -30.29 -8.96 -43.21
CA ILE B 233 -30.07 -10.22 -42.50
C ILE B 233 -31.32 -11.05 -42.34
N ALA B 234 -32.49 -10.50 -42.64
CA ALA B 234 -33.75 -11.19 -42.28
C ALA B 234 -33.85 -12.62 -42.81
N PRO B 235 -33.50 -12.93 -44.07
CA PRO B 235 -33.59 -14.35 -44.51
C PRO B 235 -32.70 -15.29 -43.72
N LYS B 236 -31.44 -14.89 -43.45
CA LYS B 236 -30.54 -15.76 -42.71
C LYS B 236 -30.98 -15.93 -41.26
N VAL B 237 -31.56 -14.89 -40.67
CA VAL B 237 -32.12 -15.04 -39.32
C VAL B 237 -33.21 -16.10 -39.32
N THR B 238 -34.11 -16.01 -40.31
CA THR B 238 -35.20 -16.97 -40.38
C THR B 238 -34.70 -18.40 -40.61
N GLU B 239 -33.83 -18.59 -41.60
CA GLU B 239 -33.30 -19.93 -41.84
CA GLU B 239 -33.28 -19.92 -41.85
C GLU B 239 -32.53 -20.44 -40.62
N GLY B 240 -31.74 -19.57 -40.00
CA GLY B 240 -31.00 -19.98 -38.81
C GLY B 240 -31.90 -20.45 -37.69
N LEU B 241 -32.96 -19.69 -37.43
CA LEU B 241 -33.91 -20.05 -36.38
C LEU B 241 -34.62 -21.36 -36.73
N THR B 242 -35.11 -21.47 -37.97
CA THR B 242 -35.73 -22.70 -38.44
C THR B 242 -34.81 -23.89 -38.25
N ALA B 243 -33.52 -23.71 -38.54
CA ALA B 243 -32.57 -24.81 -38.35
C ALA B 243 -32.44 -25.18 -36.89
N ILE B 244 -32.37 -24.20 -36.01
CA ILE B 244 -32.29 -24.46 -34.57
C ILE B 244 -33.54 -25.22 -34.10
N PHE B 245 -34.73 -24.73 -34.51
CA PHE B 245 -35.97 -25.37 -34.08
C PHE B 245 -36.12 -26.77 -34.66
N GLY B 246 -35.53 -27.04 -35.82
CA GLY B 246 -35.60 -28.38 -36.38
C GLY B 246 -34.57 -29.34 -35.81
N GLN B 247 -33.44 -28.83 -35.33
CA GLN B 247 -32.34 -29.71 -34.90
C GLN B 247 -32.53 -30.20 -33.47
N TYR B 248 -33.05 -29.36 -32.61
CA TYR B 248 -33.16 -29.66 -31.19
C TYR B 248 -34.60 -29.92 -30.78
N PRO B 249 -34.81 -30.62 -29.67
CA PRO B 249 -36.17 -30.77 -29.14
C PRO B 249 -36.53 -29.62 -28.20
N SER B 250 -37.83 -29.39 -28.08
CA SER B 250 -38.29 -28.43 -27.09
C SER B 250 -38.20 -28.99 -25.67
N TYR B 251 -38.14 -30.32 -25.53
CA TYR B 251 -37.84 -30.97 -24.26
C TYR B 251 -36.88 -32.12 -24.55
N GLY B 252 -35.73 -32.12 -23.88
CA GLY B 252 -34.72 -33.14 -24.05
C GLY B 252 -33.36 -32.52 -24.21
N ASP B 253 -32.40 -33.30 -24.71
CA ASP B 253 -31.01 -32.83 -24.79
C ASP B 253 -30.94 -31.63 -25.72
N GLY B 254 -30.39 -30.54 -25.21
CA GLY B 254 -30.27 -29.32 -25.98
C GLY B 254 -31.49 -28.45 -26.00
N ASP B 255 -32.52 -28.75 -25.19
CA ASP B 255 -33.71 -27.91 -25.25
C ASP B 255 -33.45 -26.49 -24.77
N ALA B 256 -32.38 -26.25 -23.99
CA ALA B 256 -32.05 -24.88 -23.62
C ALA B 256 -31.78 -24.03 -24.85
N ILE B 257 -31.21 -24.64 -25.91
CA ILE B 257 -30.93 -23.89 -27.13
C ILE B 257 -32.24 -23.61 -27.88
N TRP B 258 -33.09 -24.63 -28.00
CA TRP B 258 -34.40 -24.46 -28.62
C TRP B 258 -35.19 -23.38 -27.89
N LEU B 259 -35.24 -23.46 -26.55
CA LEU B 259 -36.07 -22.56 -25.76
C LEU B 259 -35.49 -21.15 -25.72
N GLY B 260 -34.17 -21.01 -25.70
CA GLY B 260 -33.57 -19.69 -25.80
C GLY B 260 -33.97 -18.97 -27.08
N ALA B 261 -33.94 -19.69 -28.21
CA ALA B 261 -34.33 -19.07 -29.47
C ALA B 261 -35.83 -18.75 -29.47
N ALA B 262 -36.65 -19.66 -28.96
CA ALA B 262 -38.08 -19.41 -28.95
C ALA B 262 -38.45 -18.21 -28.09
N ASP B 263 -37.70 -18.00 -27.00
CA ASP B 263 -38.02 -16.90 -26.09
C ASP B 263 -37.96 -15.55 -26.79
N THR B 264 -36.85 -15.26 -27.47
CA THR B 264 -36.74 -13.97 -28.14
C THR B 264 -37.49 -13.94 -29.46
N ALA B 265 -37.42 -15.03 -30.25
CA ALA B 265 -38.08 -15.01 -31.55
C ALA B 265 -39.58 -14.81 -31.39
N SER B 266 -40.19 -15.43 -30.39
CA SER B 266 -41.65 -15.34 -30.24
C SER B 266 -42.09 -13.90 -29.97
N TYR B 267 -41.21 -13.09 -29.39
CA TYR B 267 -41.51 -11.68 -29.19
C TYR B 267 -41.66 -10.92 -30.52
N TYR B 268 -40.93 -11.32 -31.55
CA TYR B 268 -40.89 -10.54 -32.77
C TYR B 268 -41.46 -11.25 -33.99
N ALA B 269 -41.69 -12.56 -33.92
CA ALA B 269 -42.25 -13.28 -35.04
C ALA B 269 -43.36 -14.19 -34.56
N ASP B 270 -44.30 -14.47 -35.45
CA ASP B 270 -45.38 -15.39 -35.15
C ASP B 270 -44.87 -16.83 -35.28
N CYS B 271 -45.50 -17.74 -34.53
CA CYS B 271 -45.05 -19.14 -34.53
C CYS B 271 -45.09 -19.76 -35.92
N SER B 272 -45.99 -19.30 -36.81
CA SER B 272 -46.13 -19.96 -38.10
C SER B 272 -44.96 -19.69 -39.03
N GLN B 273 -44.13 -18.70 -38.70
CA GLN B 273 -42.89 -18.50 -39.46
C GLN B 273 -41.97 -19.71 -39.35
N PHE B 274 -42.08 -20.47 -38.25
CA PHE B 274 -41.22 -21.63 -38.03
C PHE B 274 -42.01 -22.92 -37.89
N ASN B 275 -43.33 -22.87 -38.07
CA ASN B 275 -44.19 -24.05 -37.92
C ASN B 275 -43.98 -24.73 -36.56
N ILE B 276 -43.96 -23.90 -35.52
CA ILE B 276 -43.88 -24.38 -34.14
C ILE B 276 -45.12 -23.98 -33.35
N CYS B 277 -46.19 -23.64 -34.05
CA CYS B 277 -47.44 -23.25 -33.40
C CYS B 277 -47.95 -24.38 -32.51
N GLY B 278 -48.33 -24.02 -31.29
CA GLY B 278 -48.81 -24.99 -30.33
C GLY B 278 -47.75 -25.88 -29.75
N PHE B 279 -46.47 -25.50 -29.84
CA PHE B 279 -45.42 -26.32 -29.22
C PHE B 279 -45.61 -26.46 -27.72
N GLU B 280 -46.31 -25.50 -27.09
CA GLU B 280 -46.43 -25.50 -25.63
C GLU B 280 -47.17 -26.73 -25.12
N ASP B 281 -48.17 -27.21 -25.87
CA ASP B 281 -48.94 -28.37 -25.42
C ASP B 281 -48.06 -29.60 -25.32
N ALA B 282 -47.27 -29.87 -26.36
CA ALA B 282 -46.40 -31.05 -26.33
C ALA B 282 -45.26 -30.87 -25.35
N LEU B 283 -44.76 -29.64 -25.19
CA LEU B 283 -43.75 -29.38 -24.18
C LEU B 283 -44.31 -29.61 -22.78
N ARG B 284 -45.53 -29.13 -22.54
CA ARG B 284 -46.18 -29.35 -21.25
C ARG B 284 -46.26 -30.84 -20.92
N ASP B 285 -46.64 -31.67 -21.89
CA ASP B 285 -46.80 -33.09 -21.61
C ASP B 285 -45.45 -33.80 -21.44
N ALA B 286 -44.42 -33.33 -22.12
CA ALA B 286 -43.11 -33.92 -21.96
C ALA B 286 -42.43 -33.45 -20.67
N ALA B 287 -42.59 -32.17 -20.33
CA ALA B 287 -41.89 -31.63 -19.18
C ALA B 287 -42.56 -32.01 -17.86
N LEU B 288 -43.89 -32.04 -17.81
CA LEU B 288 -44.60 -32.46 -16.61
C LEU B 288 -45.26 -33.81 -16.89
N ASN B 289 -44.42 -34.83 -17.10
CA ASN B 289 -44.85 -36.11 -17.64
C ASN B 289 -45.46 -37.04 -16.61
N GLN B 290 -45.22 -36.80 -15.32
CA GLN B 290 -45.80 -37.61 -14.27
C GLN B 290 -47.17 -37.07 -13.88
N THR B 291 -48.05 -37.97 -13.47
CA THR B 291 -49.35 -37.61 -12.93
C THR B 291 -49.51 -38.34 -11.61
N PHE B 292 -49.89 -37.61 -10.58
CA PHE B 292 -50.17 -38.22 -9.28
C PHE B 292 -51.41 -37.55 -8.72
N ILE B 293 -52.44 -38.36 -8.46
CA ILE B 293 -53.75 -37.88 -8.01
C ILE B 293 -53.76 -37.95 -6.49
N CYS B 294 -53.69 -36.78 -5.83
N CYS B 294 -53.74 -36.79 -5.85
CA CYS B 294 -53.75 -36.77 -4.38
CA CYS B 294 -53.73 -36.75 -4.39
C CYS B 294 -55.13 -37.16 -3.88
C CYS B 294 -55.11 -37.02 -3.80
N SER B 295 -56.16 -36.60 -4.51
CA SER B 295 -57.54 -36.70 -4.05
C SER B 295 -58.36 -36.23 -5.23
N ASP B 296 -59.69 -36.17 -5.10
CA ASP B 296 -60.39 -35.67 -6.26
C ASP B 296 -60.42 -34.15 -6.32
N THR B 297 -59.71 -33.46 -5.41
CA THR B 297 -59.57 -32.01 -5.52
C THR B 297 -58.14 -31.53 -5.75
N ILE B 298 -57.13 -32.41 -5.69
CA ILE B 298 -55.75 -32.00 -5.89
C ILE B 298 -55.05 -33.00 -6.80
N LYS B 299 -54.54 -32.51 -7.91
CA LYS B 299 -53.81 -33.30 -8.89
C LYS B 299 -52.41 -32.74 -9.04
N ILE B 300 -51.40 -33.61 -9.05
CA ILE B 300 -50.01 -33.21 -9.27
C ILE B 300 -49.59 -33.63 -10.67
N ARG B 301 -49.03 -32.70 -11.42
CA ARG B 301 -48.22 -32.98 -12.60
C ARG B 301 -46.78 -32.61 -12.27
N SER B 302 -45.84 -33.55 -12.43
CA SER B 302 -44.46 -33.26 -12.05
C SER B 302 -43.48 -33.80 -13.09
N GLN B 303 -42.28 -33.24 -13.05
CA GLN B 303 -41.23 -33.58 -14.01
C GLN B 303 -40.49 -34.85 -13.58
N ASP B 304 -40.01 -34.90 -12.34
CA ASP B 304 -39.32 -36.10 -11.88
C ASP B 304 -39.30 -36.20 -10.37
N MET B 305 -40.42 -36.58 -9.75
CA MET B 305 -40.47 -36.81 -8.32
C MET B 305 -40.61 -38.30 -8.05
N SER B 306 -40.13 -38.72 -6.88
CA SER B 306 -40.36 -40.08 -6.46
C SER B 306 -41.78 -40.23 -5.89
N GLN B 307 -42.24 -41.48 -5.80
CA GLN B 307 -43.55 -41.72 -5.21
C GLN B 307 -43.59 -41.28 -3.75
N ALA B 308 -42.48 -41.47 -3.03
CA ALA B 308 -42.40 -41.00 -1.65
C ALA B 308 -42.55 -39.47 -1.56
N GLN B 309 -41.94 -38.73 -2.48
CA GLN B 309 -42.16 -37.28 -2.53
C GLN B 309 -43.62 -36.95 -2.86
N HIS B 310 -44.20 -37.66 -3.83
CA HIS B 310 -45.60 -37.41 -4.17
C HIS B 310 -46.50 -37.59 -2.95
N LEU B 311 -46.34 -38.72 -2.24
CA LEU B 311 -47.16 -38.99 -1.06
C LEU B 311 -46.96 -37.95 0.02
N ALA B 312 -45.70 -37.52 0.25
CA ALA B 312 -45.44 -36.52 1.27
C ALA B 312 -46.04 -35.16 0.90
N ALA B 313 -46.00 -34.82 -0.39
CA ALA B 313 -46.61 -33.55 -0.82
C ALA B 313 -48.12 -33.58 -0.64
N CYS B 314 -48.76 -34.69 -1.04
CA CYS B 314 -50.20 -34.83 -0.86
CA CYS B 314 -50.20 -34.83 -0.86
C CYS B 314 -50.57 -34.79 0.62
N ASP B 315 -49.82 -35.49 1.46
CA ASP B 315 -50.13 -35.52 2.89
C ASP B 315 -49.95 -34.14 3.52
N LYS B 316 -48.90 -33.41 3.13
CA LYS B 316 -48.68 -32.10 3.75
C LYS B 316 -49.75 -31.10 3.32
N MET B 317 -50.19 -31.14 2.07
CA MET B 317 -51.28 -30.25 1.65
C MET B 317 -52.57 -30.57 2.39
N ALA B 318 -52.86 -31.87 2.59
CA ALA B 318 -54.01 -32.26 3.39
C ALA B 318 -53.92 -31.71 4.80
N TYR B 319 -52.73 -31.75 5.40
CA TYR B 319 -52.54 -31.16 6.71
C TYR B 319 -52.77 -29.65 6.69
N GLU B 320 -52.13 -28.94 5.76
CA GLU B 320 -52.28 -27.49 5.66
C GLU B 320 -53.74 -27.09 5.47
N GLU B 321 -54.48 -27.83 4.66
CA GLU B 321 -55.88 -27.52 4.41
C GLU B 321 -56.68 -27.48 5.70
N SER B 322 -56.58 -28.54 6.50
CA SER B 322 -57.26 -28.57 7.80
C SER B 322 -56.78 -27.45 8.73
N PHE B 323 -55.46 -27.27 8.82
CA PHE B 323 -54.92 -26.20 9.68
C PHE B 323 -55.40 -24.83 9.20
N PHE B 324 -55.42 -24.61 7.89
CA PHE B 324 -55.92 -23.34 7.35
C PHE B 324 -57.36 -23.07 7.76
N HIS B 325 -58.23 -24.05 7.56
CA HIS B 325 -59.66 -23.83 7.79
C HIS B 325 -59.96 -23.60 9.27
N THR B 326 -59.24 -24.29 10.15
CA THR B 326 -59.34 -24.05 11.58
C THR B 326 -58.87 -22.64 11.92
N THR B 327 -57.70 -22.24 11.40
CA THR B 327 -57.11 -20.97 11.82
C THR B 327 -57.89 -19.80 11.26
N LEU B 328 -58.40 -19.91 10.03
CA LEU B 328 -59.13 -18.82 9.38
C LEU B 328 -60.62 -18.88 9.65
N GLU B 329 -61.10 -19.89 10.40
CA GLU B 329 -62.49 -19.96 10.83
C GLU B 329 -63.45 -19.80 9.65
N THR B 330 -63.18 -20.59 8.60
CA THR B 330 -63.92 -20.45 7.35
C THR B 330 -65.24 -21.19 7.36
N GLY B 331 -65.41 -22.16 8.26
CA GLY B 331 -66.56 -23.05 8.13
C GLY B 331 -66.56 -23.82 6.83
N ASN B 332 -65.39 -23.98 6.21
CA ASN B 332 -65.25 -24.64 4.90
C ASN B 332 -66.18 -24.02 3.85
N GLN B 333 -66.49 -22.72 3.97
CA GLN B 333 -67.39 -22.09 3.01
C GLN B 333 -66.61 -21.16 2.09
N PRO B 334 -66.60 -21.38 0.78
CA PRO B 334 -65.85 -20.50 -0.13
C PRO B 334 -66.55 -19.17 -0.29
N VAL B 335 -65.82 -18.19 -0.84
CA VAL B 335 -66.41 -16.89 -1.16
C VAL B 335 -67.42 -17.10 -2.28
N ALA B 336 -68.27 -16.12 -2.53
CA ALA B 336 -69.22 -16.20 -3.62
C ALA B 336 -68.49 -16.26 -4.97
N ASP B 337 -69.15 -16.85 -5.97
CA ASP B 337 -68.72 -16.80 -7.36
C ASP B 337 -67.37 -17.47 -7.56
N ASP B 338 -67.12 -18.55 -6.80
CA ASP B 338 -65.84 -19.24 -6.84
C ASP B 338 -66.13 -20.74 -7.02
N HIS B 339 -65.77 -21.27 -8.19
CA HIS B 339 -65.95 -22.67 -8.52
C HIS B 339 -64.64 -23.45 -8.52
N ASN B 340 -63.62 -22.90 -7.86
CA ASN B 340 -62.27 -23.47 -7.90
C ASN B 340 -62.11 -24.61 -6.90
N THR B 341 -62.95 -25.63 -7.07
CA THR B 341 -62.94 -26.81 -6.20
C THR B 341 -61.73 -27.71 -6.43
N GLN B 342 -61.12 -27.66 -7.60
CA GLN B 342 -60.04 -28.56 -7.96
C GLN B 342 -58.79 -27.74 -8.23
N LEU B 343 -57.65 -28.23 -7.77
CA LEU B 343 -56.39 -27.53 -7.91
C LEU B 343 -55.41 -28.40 -8.67
N GLN B 344 -54.69 -27.82 -9.63
CA GLN B 344 -53.58 -28.52 -10.28
C GLN B 344 -52.24 -28.00 -9.74
N VAL B 345 -51.40 -28.93 -9.32
CA VAL B 345 -50.09 -28.63 -8.77
C VAL B 345 -49.04 -29.10 -9.76
N ASN B 346 -48.15 -28.18 -10.15
CA ASN B 346 -47.19 -28.39 -11.24
C ASN B 346 -45.79 -28.19 -10.69
N ILE B 347 -44.98 -29.24 -10.69
CA ILE B 347 -43.71 -29.25 -9.97
C ILE B 347 -42.58 -29.64 -10.92
N PHE B 348 -41.65 -28.73 -11.13
CA PHE B 348 -40.48 -29.01 -11.94
C PHE B 348 -39.35 -29.60 -11.09
N ASN B 349 -38.36 -30.17 -11.75
CA ASN B 349 -37.28 -30.89 -11.07
C ASN B 349 -36.25 -29.98 -10.41
N SER B 350 -36.19 -28.70 -10.77
CA SER B 350 -35.21 -27.78 -10.20
C SER B 350 -35.63 -26.36 -10.55
N ASP B 351 -34.99 -25.39 -9.90
CA ASP B 351 -35.22 -23.98 -10.27
C ASP B 351 -34.82 -23.73 -11.71
N THR B 352 -33.73 -24.37 -12.17
CA THR B 352 -33.31 -24.24 -13.56
C THR B 352 -34.41 -24.73 -14.52
N ASP B 353 -34.97 -25.90 -14.25
CA ASP B 353 -36.08 -26.40 -15.05
C ASP B 353 -37.25 -25.42 -15.02
N TYR B 354 -37.54 -24.85 -13.84
CA TYR B 354 -38.65 -23.90 -13.71
C TYR B 354 -38.43 -22.72 -14.65
N GLY B 355 -37.23 -22.12 -14.59
CA GLY B 355 -36.94 -21.00 -15.46
C GLY B 355 -37.00 -21.34 -16.94
N LYS B 356 -36.68 -22.58 -17.29
CA LYS B 356 -36.66 -22.97 -18.71
C LYS B 356 -38.06 -23.14 -19.26
N TYR B 357 -38.92 -23.90 -18.55
CA TYR B 357 -40.16 -24.40 -19.14
C TYR B 357 -41.42 -23.66 -18.70
N ALA B 358 -41.43 -23.05 -17.51
CA ALA B 358 -42.69 -22.55 -16.94
C ALA B 358 -43.17 -21.31 -17.69
N GLY B 359 -42.25 -20.47 -18.14
CA GLY B 359 -42.57 -19.34 -18.98
C GLY B 359 -43.32 -19.76 -20.24
N PRO B 360 -42.74 -20.65 -21.04
CA PRO B 360 -43.48 -21.12 -22.23
C PRO B 360 -44.76 -21.85 -21.90
N ILE B 361 -44.77 -22.70 -20.87
CA ILE B 361 -45.96 -23.50 -20.61
C ILE B 361 -47.07 -22.63 -20.01
N PHE B 362 -46.73 -21.79 -19.03
CA PHE B 362 -47.76 -21.09 -18.25
C PHE B 362 -47.84 -19.60 -18.54
N GLY B 363 -46.90 -19.05 -19.30
CA GLY B 363 -46.90 -17.63 -19.60
C GLY B 363 -46.49 -16.75 -18.44
N ILE B 364 -45.63 -17.23 -17.54
CA ILE B 364 -45.36 -16.51 -16.30
C ILE B 364 -43.94 -15.97 -16.30
N ASP B 365 -43.75 -14.92 -15.51
CA ASP B 365 -42.43 -14.53 -15.01
C ASP B 365 -41.91 -15.62 -14.07
N THR B 366 -40.63 -15.99 -14.22
CA THR B 366 -40.03 -17.02 -13.39
C THR B 366 -38.90 -16.49 -12.50
N ASN B 367 -38.80 -15.18 -12.32
CA ASN B 367 -37.81 -14.60 -11.40
C ASN B 367 -38.41 -14.55 -9.99
N ASN B 368 -38.55 -15.75 -9.40
CA ASN B 368 -39.25 -15.92 -8.12
C ASN B 368 -39.20 -17.38 -7.68
N GLY B 369 -39.81 -17.70 -6.54
CA GLY B 369 -39.75 -19.05 -6.02
C GLY B 369 -40.99 -19.89 -6.28
N GLY B 370 -41.80 -19.48 -7.24
CA GLY B 370 -43.03 -20.19 -7.53
C GLY B 370 -44.13 -19.22 -7.89
N MET B 371 -45.28 -19.70 -8.36
CA MET B 371 -46.34 -18.79 -8.80
C MET B 371 -47.69 -19.46 -8.62
N TYR B 372 -48.71 -18.69 -8.22
CA TYR B 372 -50.07 -19.20 -8.12
C TYR B 372 -50.95 -18.45 -9.10
N LEU B 373 -51.66 -19.21 -9.94
CA LEU B 373 -52.55 -18.69 -10.99
C LEU B 373 -53.98 -19.11 -10.69
N GLU B 374 -54.77 -18.18 -10.16
CA GLU B 374 -56.15 -18.44 -9.75
C GLU B 374 -57.12 -18.55 -10.92
N GLY B 375 -56.78 -17.97 -12.07
CA GLY B 375 -57.70 -17.91 -13.18
C GLY B 375 -58.91 -17.07 -12.81
N ASN B 376 -60.04 -17.38 -13.46
CA ASN B 376 -61.29 -16.70 -13.17
C ASN B 376 -62.17 -17.65 -12.37
N PRO B 377 -62.29 -17.48 -11.05
CA PRO B 377 -63.08 -18.45 -10.27
C PRO B 377 -64.55 -18.50 -10.65
N ALA B 378 -65.09 -17.44 -11.27
CA ALA B 378 -66.48 -17.45 -11.68
C ALA B 378 -66.74 -18.33 -12.89
N ASN B 379 -65.70 -18.72 -13.63
CA ASN B 379 -65.88 -19.53 -14.83
C ASN B 379 -66.04 -20.99 -14.43
N VAL B 380 -67.21 -21.57 -14.68
CA VAL B 380 -67.38 -23.00 -14.46
C VAL B 380 -66.38 -23.73 -15.35
N GLY B 381 -65.57 -24.59 -14.74
CA GLY B 381 -64.50 -25.30 -15.42
C GLY B 381 -63.12 -24.71 -15.25
N ASN B 382 -63.02 -23.51 -14.67
CA ASN B 382 -61.73 -22.91 -14.37
C ASN B 382 -60.91 -23.83 -13.47
N ILE B 383 -59.65 -24.03 -13.83
CA ILE B 383 -58.74 -24.83 -13.02
C ILE B 383 -57.58 -23.96 -12.54
N PRO B 384 -57.50 -23.62 -11.26
CA PRO B 384 -56.35 -22.86 -10.80
C PRO B 384 -55.12 -23.75 -10.72
N ASN B 385 -53.95 -23.15 -10.91
CA ASN B 385 -52.68 -23.84 -11.00
C ASN B 385 -51.69 -23.17 -10.07
N PHE B 386 -50.90 -23.95 -9.35
CA PHE B 386 -49.68 -23.35 -8.84
C PHE B 386 -48.48 -24.10 -9.38
N ILE B 387 -47.37 -23.39 -9.49
CA ILE B 387 -46.21 -23.87 -10.20
C ILE B 387 -45.01 -23.72 -9.27
N ALA B 388 -44.23 -24.79 -9.14
CA ALA B 388 -43.18 -24.88 -8.14
C ALA B 388 -42.05 -25.73 -8.67
N TYR B 389 -40.96 -25.80 -7.90
CA TYR B 389 -39.82 -26.63 -8.28
C TYR B 389 -39.25 -27.30 -7.04
N GLU B 390 -38.73 -28.50 -7.24
CA GLU B 390 -38.02 -29.16 -6.16
C GLU B 390 -36.75 -28.40 -5.81
N ALA B 391 -36.35 -28.49 -4.55
CA ALA B 391 -35.10 -27.88 -4.11
C ALA B 391 -34.51 -28.68 -2.97
N SER B 392 -33.19 -28.87 -2.99
CA SER B 392 -32.51 -29.57 -1.91
C SER B 392 -32.78 -28.92 -0.57
N TYR B 393 -33.02 -27.60 -0.55
CA TYR B 393 -33.23 -26.87 0.69
C TYR B 393 -34.71 -26.72 1.06
N ALA B 394 -35.63 -27.36 0.33
CA ALA B 394 -37.05 -27.23 0.66
C ALA B 394 -37.41 -28.12 1.86
N ASN B 395 -38.69 -28.12 2.25
CA ASN B 395 -39.12 -28.88 3.41
C ASN B 395 -39.14 -30.39 3.10
N PRO B 396 -38.65 -31.22 4.01
CA PRO B 396 -38.88 -32.66 3.88
C PRO B 396 -40.32 -33.01 4.24
N ASP B 397 -40.81 -34.12 3.72
CA ASP B 397 -40.19 -35.11 2.84
C ASP B 397 -40.45 -34.90 1.36
N HIS B 398 -41.26 -33.89 0.99
CA HIS B 398 -41.52 -33.67 -0.42
C HIS B 398 -40.41 -32.92 -1.11
N PHE B 399 -39.71 -32.01 -0.40
CA PHE B 399 -38.66 -31.16 -0.98
C PHE B 399 -39.16 -30.32 -2.15
N VAL B 400 -40.39 -29.81 -2.05
CA VAL B 400 -40.94 -28.90 -3.05
C VAL B 400 -40.86 -27.50 -2.48
N TRP B 401 -40.04 -26.66 -3.12
CA TRP B 401 -39.88 -25.30 -2.64
C TRP B 401 -41.21 -24.56 -2.71
N ASN B 402 -41.59 -23.93 -1.59
CA ASN B 402 -42.82 -23.14 -1.46
C ASN B 402 -44.09 -23.96 -1.65
N LEU B 403 -44.04 -25.28 -1.46
CA LEU B 403 -45.24 -26.09 -1.63
C LEU B 403 -46.36 -25.57 -0.74
N GLU B 404 -46.07 -25.40 0.55
CA GLU B 404 -47.10 -24.99 1.51
C GLU B 404 -47.48 -23.52 1.31
N HIS B 405 -46.53 -22.69 0.89
CA HIS B 405 -46.82 -21.28 0.67
C HIS B 405 -47.81 -21.09 -0.48
N GLU B 406 -47.53 -21.70 -1.63
CA GLU B 406 -48.42 -21.58 -2.78
C GLU B 406 -49.79 -22.21 -2.49
N TYR B 407 -49.78 -23.34 -1.77
CA TYR B 407 -51.05 -23.97 -1.43
C TYR B 407 -51.93 -23.03 -0.62
N VAL B 408 -51.35 -22.31 0.33
CA VAL B 408 -52.13 -21.36 1.13
C VAL B 408 -52.66 -20.23 0.25
N HIS B 409 -51.91 -19.83 -0.77
CA HIS B 409 -52.46 -18.87 -1.74
C HIS B 409 -53.75 -19.36 -2.35
N TYR B 410 -53.80 -20.65 -2.73
CA TYR B 410 -55.03 -21.18 -3.31
C TYR B 410 -56.17 -21.13 -2.29
N LEU B 411 -55.88 -21.51 -1.04
CA LEU B 411 -56.93 -21.51 -0.01
C LEU B 411 -57.37 -20.08 0.30
N ASP B 412 -56.41 -19.17 0.47
CA ASP B 412 -56.72 -17.77 0.71
C ASP B 412 -57.58 -17.19 -0.41
N GLY B 413 -57.21 -17.48 -1.66
CA GLY B 413 -57.95 -16.97 -2.81
C GLY B 413 -59.37 -17.49 -2.91
N ARG B 414 -59.63 -18.67 -2.37
CA ARG B 414 -60.95 -19.28 -2.44
C ARG B 414 -61.82 -19.01 -1.23
N PHE B 415 -61.22 -18.80 -0.05
CA PHE B 415 -61.98 -18.70 1.19
C PHE B 415 -61.88 -17.35 1.87
N ASN B 416 -60.88 -16.51 1.53
CA ASN B 416 -60.78 -15.18 2.12
C ASN B 416 -60.91 -14.02 1.13
N MET B 417 -60.55 -14.19 -0.14
CA MET B 417 -60.39 -13.04 -1.03
C MET B 417 -61.36 -13.14 -2.21
N TYR B 418 -62.43 -12.33 -2.15
CA TYR B 418 -63.43 -12.35 -3.20
C TYR B 418 -62.81 -11.98 -4.54
N GLY B 419 -63.25 -12.68 -5.60
CA GLY B 419 -62.86 -12.32 -6.95
C GLY B 419 -61.54 -12.91 -7.39
N ASP B 420 -61.09 -12.46 -8.57
CA ASP B 420 -59.83 -12.96 -9.11
C ASP B 420 -58.66 -12.14 -8.57
N PHE B 421 -57.44 -12.46 -9.06
CA PHE B 421 -56.22 -11.88 -8.50
C PHE B 421 -56.20 -10.35 -8.62
N GLY B 422 -56.65 -9.80 -9.74
CA GLY B 422 -56.59 -8.37 -9.97
C GLY B 422 -57.79 -7.59 -9.46
N THR B 423 -58.79 -8.26 -8.92
CA THR B 423 -60.02 -7.59 -8.49
C THR B 423 -59.82 -6.52 -7.41
N PRO B 424 -58.95 -6.69 -6.40
CA PRO B 424 -58.88 -5.69 -5.33
C PRO B 424 -58.55 -4.28 -5.82
N THR B 425 -59.23 -3.29 -5.26
CA THR B 425 -58.96 -1.90 -5.59
C THR B 425 -58.13 -1.21 -4.51
N GLU B 426 -57.72 -1.96 -3.50
CA GLU B 426 -56.86 -1.51 -2.43
C GLU B 426 -55.79 -2.58 -2.26
N LEU B 427 -54.64 -2.19 -1.72
CA LEU B 427 -53.49 -3.11 -1.64
C LEU B 427 -53.76 -4.24 -0.65
N VAL B 428 -53.44 -5.47 -1.07
CA VAL B 428 -53.62 -6.65 -0.22
C VAL B 428 -52.36 -7.52 -0.24
N VAL B 429 -51.28 -7.00 -0.84
CA VAL B 429 -50.02 -7.74 -0.92
C VAL B 429 -49.59 -8.23 0.47
N TRP B 430 -49.54 -7.33 1.45
CA TRP B 430 -49.11 -7.70 2.80
C TRP B 430 -49.92 -8.85 3.35
N TRP B 431 -51.22 -8.88 3.07
CA TRP B 431 -52.07 -9.93 3.62
C TRP B 431 -51.85 -11.25 2.88
N SER B 432 -51.89 -11.24 1.55
CA SER B 432 -51.79 -12.50 0.82
CA SER B 432 -51.77 -12.49 0.81
C SER B 432 -50.44 -13.16 1.05
N GLU B 433 -49.35 -12.38 1.09
CA GLU B 433 -48.06 -13.00 1.31
C GLU B 433 -47.85 -13.31 2.79
N GLY B 434 -48.31 -12.40 3.66
CA GLY B 434 -48.16 -12.62 5.08
C GLY B 434 -48.95 -13.82 5.58
N VAL B 435 -50.16 -14.02 5.04
CA VAL B 435 -50.93 -15.15 5.52
C VAL B 435 -50.41 -16.45 4.93
N ALA B 436 -49.86 -16.42 3.71
CA ALA B 436 -49.26 -17.65 3.18
C ALA B 436 -48.04 -18.04 4.01
N GLU B 437 -47.27 -17.06 4.46
CA GLU B 437 -46.12 -17.34 5.31
C GLU B 437 -46.54 -17.75 6.71
N TYR B 438 -47.54 -17.08 7.28
CA TYR B 438 -47.92 -17.36 8.66
C TYR B 438 -48.58 -18.73 8.81
N VAL B 439 -49.51 -19.06 7.92
CA VAL B 439 -50.17 -20.37 8.01
C VAL B 439 -49.17 -21.49 7.77
N SER B 440 -48.24 -21.29 6.83
CA SER B 440 -47.32 -22.39 6.51
C SER B 440 -46.21 -22.50 7.54
N ARG B 441 -45.69 -21.39 8.05
CA ARG B 441 -44.55 -21.42 8.96
C ARG B 441 -44.92 -21.30 10.43
N VAL B 442 -46.08 -20.71 10.74
CA VAL B 442 -46.50 -20.36 12.09
C VAL B 442 -45.37 -19.58 12.78
N ASN B 443 -44.77 -20.14 13.83
CA ASN B 443 -43.79 -19.37 14.61
C ASN B 443 -42.34 -19.66 14.23
N ASP B 444 -42.09 -20.52 13.24
CA ASP B 444 -40.73 -20.86 12.82
C ASP B 444 -40.37 -20.00 11.62
N ASN B 445 -39.82 -18.81 11.89
CA ASN B 445 -39.44 -17.87 10.83
C ASN B 445 -38.21 -17.10 11.29
N PRO B 446 -37.04 -17.74 11.28
CA PRO B 446 -35.83 -17.04 11.75
C PRO B 446 -35.49 -15.80 10.95
N GLN B 447 -35.74 -15.79 9.64
CA GLN B 447 -35.43 -14.59 8.87
C GLN B 447 -36.27 -13.40 9.31
N ALA B 448 -37.50 -13.65 9.77
CA ALA B 448 -38.36 -12.55 10.20
C ALA B 448 -37.86 -11.97 11.52
N ILE B 449 -37.28 -12.81 12.38
CA ILE B 449 -36.69 -12.30 13.61
C ILE B 449 -35.50 -11.43 13.29
N ALA B 450 -34.66 -11.89 12.35
CA ALA B 450 -33.42 -11.18 12.03
C ALA B 450 -33.69 -9.77 11.52
N THR B 451 -34.76 -9.58 10.74
CA THR B 451 -34.99 -8.27 10.13
C THR B 451 -35.52 -7.24 11.12
N ILE B 452 -36.00 -7.68 12.29
CA ILE B 452 -36.26 -6.78 13.41
C ILE B 452 -34.94 -6.45 14.11
N GLN B 453 -34.16 -7.49 14.45
CA GLN B 453 -32.91 -7.31 15.18
C GLN B 453 -31.95 -6.40 14.44
N ASP B 454 -31.93 -6.45 13.12
CA ASP B 454 -30.95 -5.67 12.36
C ASP B 454 -31.18 -4.16 12.43
N GLY B 455 -32.23 -3.70 13.12
CA GLY B 455 -32.43 -2.28 13.33
C GLY B 455 -33.29 -1.56 12.30
N SER B 456 -33.50 -2.12 11.11
CA SER B 456 -34.33 -1.47 10.09
C SER B 456 -35.71 -2.11 10.11
N THR B 457 -36.75 -1.29 10.31
CA THR B 457 -38.10 -1.79 10.53
C THR B 457 -39.11 -0.99 9.71
N TYR B 458 -40.37 -1.43 9.79
CA TYR B 458 -41.49 -0.79 9.11
C TYR B 458 -42.62 -0.62 10.10
N THR B 459 -43.40 0.46 9.92
CA THR B 459 -44.65 0.62 10.64
C THR B 459 -45.72 -0.26 10.02
N LEU B 460 -46.78 -0.54 10.80
CA LEU B 460 -47.94 -1.22 10.25
C LEU B 460 -48.46 -0.51 9.01
N ALA B 461 -48.50 0.83 9.02
CA ALA B 461 -49.00 1.56 7.87
C ALA B 461 -48.12 1.30 6.63
N GLN B 462 -46.80 1.30 6.81
CA GLN B 462 -45.91 0.97 5.70
C GLN B 462 -46.08 -0.48 5.25
N VAL B 463 -46.28 -1.42 6.18
CA VAL B 463 -46.47 -2.81 5.78
C VAL B 463 -47.71 -2.94 4.90
N PHE B 464 -48.81 -2.33 5.34
CA PHE B 464 -50.07 -2.42 4.60
C PHE B 464 -49.97 -1.81 3.20
N ASP B 465 -49.12 -0.79 3.03
CA ASP B 465 -48.95 -0.13 1.74
C ASP B 465 -47.87 -0.78 0.87
N THR B 466 -47.45 -2.00 1.19
CA THR B 466 -46.46 -2.70 0.39
C THR B 466 -47.02 -3.10 -0.97
N THR B 467 -46.21 -2.95 -2.01
CA THR B 467 -46.54 -3.40 -3.35
C THR B 467 -45.48 -4.39 -3.81
N TYR B 468 -45.71 -4.99 -4.98
CA TYR B 468 -44.72 -5.90 -5.55
C TYR B 468 -43.59 -5.18 -6.28
N ASP B 469 -43.70 -3.86 -6.48
CA ASP B 469 -42.72 -3.12 -7.27
C ASP B 469 -41.32 -3.29 -6.69
N GLY B 470 -40.36 -3.63 -7.55
CA GLY B 470 -39.00 -3.87 -7.09
C GLY B 470 -38.80 -5.14 -6.30
N PHE B 471 -39.87 -5.90 -6.05
CA PHE B 471 -39.83 -7.20 -5.38
C PHE B 471 -38.95 -7.18 -4.12
N ASP B 472 -39.30 -6.26 -3.21
CA ASP B 472 -38.65 -6.15 -1.91
C ASP B 472 -39.03 -7.36 -1.06
N VAL B 473 -38.22 -8.42 -1.11
CA VAL B 473 -38.59 -9.68 -0.48
C VAL B 473 -38.69 -9.50 1.03
N ASP B 474 -37.79 -8.72 1.62
CA ASP B 474 -37.82 -8.48 3.06
C ASP B 474 -39.13 -7.85 3.49
N ARG B 475 -39.54 -6.79 2.80
CA ARG B 475 -40.78 -6.10 3.14
C ARG B 475 -42.00 -6.97 2.85
N ILE B 476 -42.03 -7.61 1.66
CA ILE B 476 -43.22 -8.37 1.27
C ILE B 476 -43.44 -9.55 2.20
N TYR B 477 -42.43 -10.42 2.34
CA TYR B 477 -42.62 -11.71 2.98
C TYR B 477 -42.31 -11.71 4.48
N ARG B 478 -41.29 -10.97 4.91
CA ARG B 478 -40.97 -10.98 6.33
C ARG B 478 -41.88 -10.03 7.11
N TRP B 479 -42.03 -8.79 6.65
CA TRP B 479 -42.88 -7.85 7.36
C TRP B 479 -44.36 -8.14 7.17
N GLY B 480 -44.75 -8.67 6.01
CA GLY B 480 -46.12 -9.16 5.87
C GLY B 480 -46.43 -10.24 6.89
N TYR B 481 -45.54 -11.24 6.98
CA TYR B 481 -45.66 -12.28 8.00
C TYR B 481 -45.78 -11.67 9.39
N LEU B 482 -44.89 -10.72 9.73
CA LEU B 482 -44.88 -10.14 11.07
C LEU B 482 -46.20 -9.46 11.38
N ALA B 483 -46.75 -8.71 10.43
CA ALA B 483 -48.01 -8.01 10.67
C ALA B 483 -49.16 -9.00 10.82
N VAL B 484 -49.18 -10.05 9.98
CA VAL B 484 -50.29 -11.00 10.04
C VAL B 484 -50.24 -11.79 11.34
N ARG B 485 -49.07 -12.29 11.71
CA ARG B 485 -48.91 -13.01 12.98
C ARG B 485 -49.32 -12.13 14.16
N PHE B 486 -48.85 -10.89 14.19
CA PHE B 486 -49.26 -9.96 15.24
C PHE B 486 -50.78 -9.86 15.35
N MET B 487 -51.48 -9.66 14.22
CA MET B 487 -52.93 -9.50 14.29
C MET B 487 -53.61 -10.78 14.74
N PHE B 488 -53.12 -11.95 14.30
CA PHE B 488 -53.74 -13.18 14.78
C PHE B 488 -53.51 -13.38 16.27
N GLU B 489 -52.31 -13.05 16.77
CA GLU B 489 -52.05 -13.24 18.19
C GLU B 489 -52.77 -12.21 19.04
N ARG B 490 -52.77 -10.94 18.61
CA ARG B 490 -53.22 -9.85 19.48
C ARG B 490 -54.64 -9.37 19.20
N HIS B 491 -55.13 -9.43 17.96
CA HIS B 491 -56.48 -8.90 17.63
C HIS B 491 -57.19 -9.82 16.64
N PRO B 492 -57.40 -11.09 16.99
CA PRO B 492 -58.05 -12.01 16.05
C PRO B 492 -59.48 -11.62 15.72
N ASP B 493 -60.17 -10.90 16.61
CA ASP B 493 -61.52 -10.45 16.34
C ASP B 493 -61.52 -9.41 15.22
N GLU B 494 -60.47 -8.58 15.16
CA GLU B 494 -60.34 -7.61 14.08
C GLU B 494 -59.99 -8.28 12.76
N VAL B 495 -59.11 -9.29 12.80
CA VAL B 495 -58.85 -10.09 11.59
C VAL B 495 -60.15 -10.60 11.01
N GLN B 496 -61.04 -11.08 11.89
CA GLN B 496 -62.29 -11.64 11.42
C GLN B 496 -63.18 -10.55 10.84
N ARG B 497 -63.20 -9.37 11.46
CA ARG B 497 -63.94 -8.25 10.90
C ARG B 497 -63.39 -7.89 9.51
N MET B 498 -62.06 -7.89 9.35
CA MET B 498 -61.47 -7.61 8.05
C MET B 498 -61.84 -8.70 7.04
N LEU B 499 -61.83 -9.96 7.46
CA LEU B 499 -62.17 -11.06 6.56
C LEU B 499 -63.60 -10.94 6.07
N SER B 500 -64.51 -10.46 6.92
CA SER B 500 -65.87 -10.22 6.49
C SER B 500 -65.90 -9.29 5.28
N ALA B 501 -65.04 -8.28 5.28
CA ALA B 501 -64.98 -7.37 4.14
C ALA B 501 -64.29 -7.99 2.94
N THR B 502 -63.11 -8.59 3.14
CA THR B 502 -62.40 -9.19 1.99
C THR B 502 -63.22 -10.31 1.34
N ARG B 503 -63.94 -11.09 2.15
CA ARG B 503 -64.71 -12.19 1.58
C ARG B 503 -65.87 -11.70 0.74
N GLN B 504 -66.28 -10.45 0.91
CA GLN B 504 -67.38 -9.89 0.15
C GLN B 504 -66.91 -8.88 -0.89
N GLY B 505 -65.59 -8.74 -1.08
CA GLY B 505 -65.11 -7.80 -2.06
C GLY B 505 -65.30 -6.36 -1.69
N ARG B 506 -65.44 -6.05 -0.40
CA ARG B 506 -65.70 -4.67 0.06
C ARG B 506 -64.36 -4.01 0.37
N TRP B 507 -63.65 -3.61 -0.70
CA TRP B 507 -62.24 -3.26 -0.54
C TRP B 507 -62.05 -1.91 0.18
N ALA B 508 -62.92 -0.93 -0.10
CA ALA B 508 -62.82 0.34 0.61
C ALA B 508 -63.01 0.15 2.12
N GLU B 509 -63.96 -0.72 2.50
CA GLU B 509 -64.16 -1.04 3.91
C GLU B 509 -62.94 -1.76 4.49
N TYR B 510 -62.45 -2.78 3.80
CA TYR B 510 -61.23 -3.45 4.25
C TYR B 510 -60.12 -2.44 4.50
N LYS B 511 -59.97 -1.43 3.62
CA LYS B 511 -58.88 -0.47 3.77
C LYS B 511 -59.12 0.45 4.96
N ALA B 512 -60.36 0.88 5.18
CA ALA B 512 -60.68 1.64 6.38
C ALA B 512 -60.36 0.85 7.65
N ILE B 513 -60.71 -0.44 7.65
CA ILE B 513 -60.46 -1.28 8.82
C ILE B 513 -58.97 -1.32 9.15
N ILE B 514 -58.14 -1.72 8.18
CA ILE B 514 -56.72 -1.88 8.49
C ILE B 514 -56.05 -0.53 8.68
N SER B 515 -56.59 0.53 8.07
CA SER B 515 -56.04 1.85 8.33
C SER B 515 -56.25 2.24 9.78
N GLY B 516 -57.36 1.80 10.39
CA GLY B 516 -57.54 2.00 11.82
C GLY B 516 -56.52 1.23 12.64
N TRP B 517 -56.23 -0.02 12.23
CA TRP B 517 -55.16 -0.78 12.86
C TRP B 517 -53.85 0.00 12.85
N ALA B 518 -53.48 0.55 11.69
CA ALA B 518 -52.21 1.21 11.56
C ALA B 518 -52.10 2.44 12.44
N ASN B 519 -53.23 3.07 12.76
CA ASN B 519 -53.21 4.20 13.69
C ASN B 519 -53.23 3.73 15.14
N GLN B 520 -54.12 2.79 15.46
CA GLN B 520 -54.37 2.43 16.85
C GLN B 520 -53.41 1.39 17.42
N TYR B 521 -52.84 0.52 16.59
CA TYR B 521 -52.05 -0.62 17.07
C TYR B 521 -50.55 -0.44 16.86
N GLN B 522 -50.10 0.70 16.36
CA GLN B 522 -48.70 0.86 15.99
C GLN B 522 -47.77 0.71 17.20
N SER B 523 -48.08 1.41 18.30
CA SER B 523 -47.22 1.31 19.48
CA SER B 523 -47.23 1.30 19.49
C SER B 523 -47.17 -0.13 20.00
N GLU B 524 -48.31 -0.82 20.01
CA GLU B 524 -48.33 -2.21 20.46
C GLU B 524 -47.54 -3.11 19.51
N PHE B 525 -47.66 -2.86 18.20
CA PHE B 525 -46.89 -3.65 17.23
C PHE B 525 -45.40 -3.45 17.44
N ALA B 526 -44.97 -2.20 17.66
CA ALA B 526 -43.56 -1.92 17.89
C ALA B 526 -43.05 -2.60 19.17
N GLN B 527 -43.88 -2.61 20.22
CA GLN B 527 -43.52 -3.33 21.44
C GLN B 527 -43.44 -4.83 21.20
N TRP B 528 -44.35 -5.36 20.38
CA TRP B 528 -44.40 -6.78 20.10
C TRP B 528 -43.18 -7.25 19.30
N THR B 529 -42.80 -6.50 18.25
CA THR B 529 -41.63 -6.92 17.47
C THR B 529 -40.37 -6.87 18.33
N GLU B 530 -40.30 -5.91 19.25
CA GLU B 530 -39.17 -5.81 20.17
C GLU B 530 -39.06 -7.04 21.05
N ALA B 531 -40.17 -7.39 21.74
CA ALA B 531 -40.16 -8.59 22.58
C ALA B 531 -39.81 -9.82 21.76
N LEU B 532 -40.40 -9.93 20.57
CA LEU B 532 -40.09 -11.05 19.69
C LEU B 532 -38.60 -11.08 19.36
N ALA B 533 -38.01 -9.92 19.04
CA ALA B 533 -36.59 -9.88 18.74
C ALA B 533 -35.73 -10.20 19.96
N LYS B 534 -36.28 -10.10 21.18
CA LYS B 534 -35.54 -10.42 22.39
C LYS B 534 -35.47 -11.93 22.65
N GLY B 535 -36.51 -12.67 22.27
CA GLY B 535 -36.50 -14.10 22.43
C GLY B 535 -37.59 -14.61 23.37
N GLY C 1 44.09 15.88 23.95
CA GLY C 1 43.65 17.00 24.76
C GLY C 1 42.13 17.06 24.91
N PRO C 2 41.64 17.95 25.79
CA PRO C 2 40.18 18.05 25.93
C PRO C 2 39.56 18.69 24.70
N GLY C 4 36.43 20.40 22.31
CA GLY C 4 35.23 21.20 22.43
C GLY C 4 34.09 20.48 21.75
N PRO C 5 32.86 20.75 22.19
CA PRO C 5 31.69 20.14 21.56
C PRO C 5 31.49 20.65 20.14
N GLY D 1 32.69 -0.71 9.67
CA GLY D 1 31.30 -1.14 9.54
C GLY D 1 30.69 -0.68 8.23
N PRO D 2 29.56 -1.29 7.84
CA PRO D 2 28.93 -0.91 6.58
C PRO D 2 28.28 0.47 6.60
N GLY D 4 25.88 3.61 6.42
CA GLY D 4 24.56 3.85 6.94
C GLY D 4 23.62 4.38 5.88
N PRO D 5 22.47 4.90 6.31
CA PRO D 5 21.48 5.47 5.39
C PRO D 5 22.05 6.65 4.60
N GLY E 1 41.76 7.28 7.33
CA GLY E 1 40.49 8.00 7.36
C GLY E 1 39.81 8.04 5.99
N PRO E 2 38.49 7.78 5.94
CA PRO E 2 37.73 7.53 4.72
C PRO E 2 37.36 8.78 3.95
N GLY F 1 -49.94 -13.29 -11.14
CA GLY F 1 -50.35 -13.90 -9.88
C GLY F 1 -49.35 -13.72 -8.75
N PRO F 2 -49.73 -14.15 -7.53
CA PRO F 2 -48.85 -14.00 -6.37
C PRO F 2 -47.67 -14.96 -6.45
N GLY F 4 -44.01 -16.90 -4.94
CA GLY F 4 -43.34 -17.39 -3.75
C GLY F 4 -41.97 -16.75 -3.62
N PRO F 5 -41.47 -16.64 -2.38
CA PRO F 5 -40.14 -16.07 -2.17
C PRO F 5 -39.03 -16.99 -2.66
N GLY G 1 -29.71 -1.22 -17.04
CA GLY G 1 -28.53 -0.40 -16.74
C GLY G 1 -27.25 -1.15 -17.02
N PRO G 2 -26.10 -0.54 -16.73
CA PRO G 2 -24.84 -1.20 -17.03
C PRO G 2 -24.57 -2.37 -16.09
N GLY G 4 -23.18 -4.86 -13.28
CA GLY G 4 -22.72 -4.67 -11.92
C GLY G 4 -21.39 -5.34 -11.70
N PRO G 5 -21.01 -5.54 -10.43
CA PRO G 5 -19.72 -6.17 -10.13
C PRO G 5 -19.68 -7.62 -10.61
N GLY H 1 -35.28 -10.62 -22.71
CA GLY H 1 -34.64 -11.46 -21.71
C GLY H 1 -33.14 -11.64 -21.92
N PRO H 2 -32.33 -11.00 -21.05
CA PRO H 2 -30.85 -10.95 -21.21
C PRO H 2 -30.19 -12.32 -21.11
#